data_4XUU
#
_entry.id   4XUU
#
_cell.length_a   61.772
_cell.length_b   82.852
_cell.length_c   157.695
_cell.angle_alpha   90.000
_cell.angle_beta   90.000
_cell.angle_gamma   90.000
#
_symmetry.space_group_name_H-M   'P 21 21 21'
#
loop_
_entity.id
_entity.type
_entity.pdbx_description
1 polymer 'Phosphatidylinositide phosphatase SAC2'
2 water water
#
_entity_poly.entity_id   1
_entity_poly.type   'polypeptide(L)'
_entity_poly.pdbx_seq_one_letter_code
;SRSHQELISQLLQSY(MSE)KLLLPDDEKFHGGWALIDCDPSLIDATHRDVDVLLLLSNSAYYVAYYDDEVDKVNQYQRL
SLENLEKIEIGPEPTLFGKPKFSC(MSE)RLHYRYKEASGYFHTLRAV(MSE)RNPEEDGKDTLQCIAE(MSE)LQITKQ
A(MSE)GSDLPIIEKKLEAKASKPHEDII
;
_entity_poly.pdbx_strand_id   A,B,C,D
#
# COMPACT_ATOMS: atom_id res chain seq x y z
N SER A 1 0.71 47.91 -20.46
CA SER A 1 1.64 46.82 -20.03
C SER A 1 0.92 45.73 -19.23
N ARG A 2 1.69 44.82 -18.65
CA ARG A 2 1.12 43.74 -17.85
C ARG A 2 1.65 43.72 -16.42
N SER A 3 0.80 43.26 -15.50
CA SER A 3 1.14 43.20 -14.07
C SER A 3 2.20 42.13 -13.78
N HIS A 4 2.71 42.14 -12.55
CA HIS A 4 3.65 41.11 -12.08
C HIS A 4 2.99 39.74 -12.18
N GLN A 5 1.70 39.69 -11.86
CA GLN A 5 0.93 38.46 -11.91
C GLN A 5 0.71 37.97 -13.34
N GLU A 6 0.45 38.90 -14.26
CA GLU A 6 0.22 38.55 -15.66
C GLU A 6 1.44 37.91 -16.34
N LEU A 7 2.63 38.43 -16.02
CA LEU A 7 3.88 37.87 -16.53
C LEU A 7 4.16 36.46 -16.01
N ILE A 8 3.88 36.25 -14.72
CA ILE A 8 4.11 34.96 -14.07
C ILE A 8 3.21 33.88 -14.69
N SER A 9 1.94 34.23 -14.91
CA SER A 9 0.98 33.32 -15.54
C SER A 9 1.37 32.99 -16.97
N GLN A 10 1.83 34.01 -17.70
CA GLN A 10 2.27 33.85 -19.09
C GLN A 10 3.48 32.90 -19.18
N LEU A 11 4.48 33.16 -18.34
CA LEU A 11 5.67 32.30 -18.26
C LEU A 11 5.32 30.85 -18.03
N LEU A 12 4.31 30.64 -17.18
CA LEU A 12 3.88 29.31 -16.78
C LEU A 12 3.27 28.53 -17.93
N GLN A 13 2.31 29.14 -18.63
CA GLN A 13 1.64 28.48 -19.75
C GLN A 13 2.61 28.21 -20.91
N SER A 14 3.49 29.17 -21.16
CA SER A 14 4.53 29.06 -22.18
C SER A 14 5.47 27.89 -21.89
N TYR A 15 5.86 27.77 -20.62
CA TYR A 15 6.73 26.70 -20.14
C TYR A 15 6.15 25.30 -20.39
N LYS A 17 3.96 24.46 -22.41
CA LYS A 17 3.79 24.26 -23.84
C LYS A 17 5.10 23.88 -24.52
N LEU A 18 6.21 24.45 -24.03
CA LEU A 18 7.53 24.17 -24.57
C LEU A 18 8.09 22.83 -24.07
N LEU A 19 7.76 22.50 -22.83
CA LEU A 19 8.30 21.32 -22.16
C LEU A 19 8.04 20.01 -22.90
N LEU A 20 6.87 19.89 -23.52
CA LEU A 20 6.44 18.67 -24.18
C LEU A 20 6.05 18.93 -25.63
N PRO A 21 6.09 17.88 -26.48
CA PRO A 21 5.59 17.99 -27.85
C PRO A 21 4.12 18.42 -27.91
N ASP A 22 3.73 19.04 -29.03
CA ASP A 22 2.38 19.54 -29.27
C ASP A 22 1.27 18.60 -28.82
N ASP A 23 1.41 17.32 -29.17
CA ASP A 23 0.37 16.32 -28.96
C ASP A 23 0.31 15.75 -27.54
N GLU A 24 1.36 15.99 -26.75
CA GLU A 24 1.44 15.41 -25.41
C GLU A 24 0.88 16.31 -24.30
N LYS A 25 0.33 15.68 -23.27
CA LYS A 25 -0.12 16.38 -22.07
C LYS A 25 0.63 15.93 -20.82
N PHE A 26 0.97 16.90 -19.98
CA PHE A 26 1.62 16.67 -18.71
C PHE A 26 0.69 15.97 -17.73
N HIS A 27 1.21 14.94 -17.07
CA HIS A 27 0.46 14.22 -16.04
C HIS A 27 1.08 14.43 -14.68
N GLY A 28 2.41 14.40 -14.63
CA GLY A 28 3.13 14.45 -13.37
C GLY A 28 4.63 14.49 -13.54
N GLY A 29 5.32 14.90 -12.47
CA GLY A 29 6.77 15.06 -12.46
C GLY A 29 7.28 15.01 -11.04
N TRP A 30 8.48 14.44 -10.86
CA TRP A 30 9.05 14.23 -9.52
C TRP A 30 10.56 14.47 -9.50
N ALA A 31 11.03 15.09 -8.44
CA ALA A 31 12.46 15.24 -8.18
C ALA A 31 12.95 13.98 -7.49
N LEU A 32 13.99 13.37 -8.04
CA LEU A 32 14.54 12.13 -7.48
C LEU A 32 16.08 12.14 -7.46
N ILE A 33 16.66 11.05 -6.98
CA ILE A 33 18.09 10.88 -6.89
C ILE A 33 18.47 9.54 -7.51
N ASP A 34 19.58 9.52 -8.25
CA ASP A 34 20.16 8.30 -8.81
C ASP A 34 20.59 7.38 -7.69
N CYS A 35 20.13 6.13 -7.74
CA CYS A 35 20.34 5.17 -6.66
C CYS A 35 21.48 4.19 -6.93
N ASP A 36 21.77 3.92 -8.21
CA ASP A 36 22.86 3.01 -8.59
C ASP A 36 24.24 3.64 -8.41
N PRO A 37 25.22 2.83 -7.95
CA PRO A 37 26.60 3.30 -7.85
C PRO A 37 27.16 3.71 -9.22
N SER A 38 27.52 4.98 -9.34
CA SER A 38 28.06 5.53 -10.58
C SER A 38 29.59 5.47 -10.54
N LEU A 39 30.20 5.28 -11.71
CA LEU A 39 31.62 4.89 -11.79
C LEU A 39 32.57 5.98 -12.32
N ILE A 40 32.29 7.24 -11.99
CA ILE A 40 33.24 8.33 -12.23
C ILE A 40 34.14 8.45 -10.99
N ASP A 41 33.51 8.64 -9.84
CA ASP A 41 34.19 8.65 -8.54
C ASP A 41 33.36 7.92 -7.50
N ALA A 42 34.03 7.17 -6.62
CA ALA A 42 33.37 6.47 -5.53
C ALA A 42 33.42 7.29 -4.25
N THR A 43 32.47 8.22 -4.13
CA THR A 43 32.37 9.12 -2.98
C THR A 43 30.92 9.21 -2.51
N HIS A 44 30.57 10.32 -1.84
CA HIS A 44 29.22 10.52 -1.31
C HIS A 44 28.64 11.86 -1.77
N ARG A 45 28.00 11.84 -2.94
CA ARG A 45 27.31 13.02 -3.48
C ARG A 45 26.14 12.61 -4.36
N ASP A 46 24.97 13.18 -4.06
CA ASP A 46 23.71 12.79 -4.72
C ASP A 46 23.63 13.34 -6.14
N VAL A 47 23.31 12.46 -7.09
CA VAL A 47 23.00 12.87 -8.45
C VAL A 47 21.49 13.12 -8.55
N ASP A 48 21.13 14.37 -8.80
CA ASP A 48 19.73 14.76 -8.97
C ASP A 48 19.17 14.25 -10.29
N VAL A 49 17.92 13.80 -10.24
CA VAL A 49 17.21 13.26 -11.39
C VAL A 49 15.82 13.86 -11.50
N LEU A 50 15.44 14.29 -12.70
CA LEU A 50 14.08 14.73 -12.95
C LEU A 50 13.33 13.69 -13.78
N LEU A 51 12.16 13.28 -13.27
CA LEU A 51 11.30 12.34 -13.98
C LEU A 51 9.98 13.01 -14.32
N LEU A 52 9.67 13.06 -15.62
CA LEU A 52 8.41 13.66 -16.07
C LEU A 52 7.54 12.60 -16.73
N LEU A 53 6.24 12.73 -16.56
CA LEU A 53 5.31 11.80 -17.17
C LEU A 53 4.29 12.53 -18.03
N SER A 54 4.28 12.20 -19.33
CA SER A 54 3.21 12.64 -20.20
C SER A 54 2.24 11.49 -20.45
N ASN A 55 1.21 11.73 -21.27
CA ASN A 55 0.23 10.72 -21.61
C ASN A 55 0.80 9.58 -22.46
N SER A 56 1.96 9.81 -23.07
CA SER A 56 2.53 8.85 -24.01
C SER A 56 4.00 8.53 -23.79
N ALA A 57 4.67 9.29 -22.91
CA ALA A 57 6.09 9.12 -22.69
C ALA A 57 6.50 9.54 -21.28
N TYR A 58 7.65 9.04 -20.84
CA TYR A 58 8.27 9.56 -19.63
C TYR A 58 9.65 10.10 -19.97
N TYR A 59 10.11 11.05 -19.16
CA TYR A 59 11.34 11.79 -19.43
C TYR A 59 12.27 11.68 -18.22
N VAL A 60 13.52 11.29 -18.48
CA VAL A 60 14.51 11.18 -17.42
C VAL A 60 15.70 12.09 -17.70
N ALA A 61 15.95 13.00 -16.76
CA ALA A 61 17.06 13.95 -16.88
C ALA A 61 17.97 13.86 -15.67
N TYR A 62 19.24 13.56 -15.92
CA TYR A 62 20.27 13.55 -14.87
C TYR A 62 20.97 14.91 -14.82
N TYR A 63 21.18 15.42 -13.60
CA TYR A 63 21.84 16.71 -13.42
C TYR A 63 23.30 16.55 -13.00
N ASP A 64 24.15 17.46 -13.46
CA ASP A 64 25.54 17.50 -13.01
C ASP A 64 25.59 17.96 -11.55
N ASP A 65 26.39 17.34 -10.71
CA ASP A 65 26.43 17.83 -9.33
C ASP A 65 26.99 19.25 -9.18
N GLU A 66 28.04 19.55 -9.94
CA GLU A 66 28.70 20.84 -9.86
C GLU A 66 27.79 21.97 -10.25
N VAL A 67 27.04 21.76 -11.31
CA VAL A 67 26.14 22.80 -11.77
C VAL A 67 24.75 22.27 -11.97
N ASP A 68 23.80 23.19 -11.91
CA ASP A 68 22.38 22.86 -11.97
C ASP A 68 21.86 22.75 -13.37
N LYS A 69 22.37 21.78 -14.10
CA LYS A 69 21.87 21.54 -15.43
C LYS A 69 22.24 20.14 -15.90
N VAL A 70 21.56 19.71 -16.95
CA VAL A 70 21.64 18.37 -17.46
C VAL A 70 22.94 17.79 -17.96
N ASN A 71 23.08 16.51 -17.71
CA ASN A 71 24.23 15.75 -18.08
C ASN A 71 23.73 14.72 -19.06
N GLN A 72 22.46 14.38 -18.94
CA GLN A 72 21.86 13.39 -19.78
C GLN A 72 20.39 13.62 -19.90
N TYR A 73 19.81 13.31 -21.03
CA TYR A 73 18.38 13.51 -21.25
C TYR A 73 17.81 12.43 -22.15
N GLN A 74 16.66 11.88 -21.76
CA GLN A 74 16.01 10.82 -22.52
C GLN A 74 14.50 11.00 -22.52
N ARG A 75 13.91 11.03 -23.73
CA ARG A 75 12.48 10.82 -23.85
C ARG A 75 12.28 9.36 -24.19
N LEU A 76 11.40 8.71 -23.46
CA LEU A 76 11.18 7.29 -23.62
C LEU A 76 9.68 7.03 -23.73
N SER A 77 9.29 6.41 -24.84
CA SER A 77 7.91 6.05 -25.05
C SER A 77 7.46 5.07 -23.97
N LEU A 78 6.21 5.18 -23.56
CA LEU A 78 5.67 4.29 -22.53
C LEU A 78 5.55 2.84 -23.01
N GLU A 79 5.41 2.64 -24.32
CA GLU A 79 5.41 1.30 -24.90
C GLU A 79 6.65 0.50 -24.53
N ASN A 80 7.77 1.21 -24.40
CA ASN A 80 9.07 0.57 -24.15
C ASN A 80 9.41 0.35 -22.69
N LEU A 81 8.60 0.91 -21.79
CA LEU A 81 8.76 0.67 -20.35
C LEU A 81 8.21 -0.71 -20.00
N GLU A 82 9.12 -1.65 -19.75
CA GLU A 82 8.76 -3.07 -19.59
C GLU A 82 8.12 -3.39 -18.25
N LYS A 83 8.78 -2.97 -17.17
CA LYS A 83 8.37 -3.32 -15.80
C LYS A 83 9.02 -2.38 -14.79
N ILE A 84 8.47 -2.38 -13.58
CA ILE A 84 9.05 -1.63 -12.47
C ILE A 84 9.33 -2.57 -11.30
N GLU A 85 10.53 -2.46 -10.73
CA GLU A 85 10.89 -3.21 -9.54
C GLU A 85 11.10 -2.26 -8.36
N ILE A 86 10.55 -2.61 -7.20
CA ILE A 86 10.74 -1.80 -6.00
C ILE A 86 11.23 -2.65 -4.82
N GLY A 87 12.44 -2.36 -4.36
CA GLY A 87 13.01 -3.08 -3.23
C GLY A 87 14.19 -2.37 -2.61
N PRO A 88 14.82 -3.00 -1.60
CA PRO A 88 16.00 -2.42 -0.93
C PRO A 88 17.14 -2.17 -1.92
N GLU A 89 17.85 -1.07 -1.72
CA GLU A 89 18.98 -0.66 -2.57
C GLU A 89 20.04 -1.76 -2.73
N PRO A 90 20.58 -1.89 -3.97
CA PRO A 90 21.66 -2.85 -4.23
C PRO A 90 23.00 -2.39 -3.65
N THR A 91 23.18 -2.57 -2.34
CA THR A 91 24.44 -2.20 -1.69
C THR A 91 25.51 -3.24 -1.96
N LEU A 92 26.74 -2.76 -2.18
CA LEU A 92 27.87 -3.64 -2.46
C LEU A 92 28.36 -4.37 -1.22
N PHE A 93 28.00 -3.85 -0.04
CA PHE A 93 28.22 -4.55 1.24
C PHE A 93 27.30 -3.99 2.34
N GLY A 94 26.98 -4.83 3.32
CA GLY A 94 26.24 -4.40 4.50
C GLY A 94 24.76 -4.17 4.28
N LYS A 95 24.12 -3.54 5.28
CA LYS A 95 22.69 -3.31 5.28
C LYS A 95 22.28 -2.22 4.28
N PRO A 96 21.27 -2.52 3.44
CA PRO A 96 20.65 -1.49 2.62
C PRO A 96 19.81 -0.57 3.51
N LYS A 97 19.91 0.74 3.27
CA LYS A 97 19.18 1.72 4.08
C LYS A 97 17.78 1.94 3.51
N PHE A 98 17.72 2.49 2.30
CA PHE A 98 16.47 2.93 1.69
C PHE A 98 16.02 2.01 0.53
N SER A 99 14.80 2.21 0.08
CA SER A 99 14.26 1.51 -1.07
C SER A 99 14.60 2.25 -2.35
N CYS A 100 14.71 1.50 -3.45
CA CYS A 100 14.90 2.12 -4.76
C CYS A 100 13.92 1.57 -5.78
N ARG A 102 13.34 0.71 -9.80
CA ARG A 102 14.05 0.36 -11.01
C ARG A 102 13.11 0.30 -12.21
N LEU A 103 13.35 1.16 -13.19
CA LEU A 103 12.54 1.26 -14.40
C LEU A 103 13.27 0.58 -15.56
N HIS A 104 12.80 -0.61 -15.94
CA HIS A 104 13.40 -1.37 -17.04
C HIS A 104 12.79 -0.94 -18.37
N TYR A 105 13.64 -0.49 -19.28
CA TYR A 105 13.16 -0.05 -20.58
C TYR A 105 13.85 -0.74 -21.76
N ARG A 106 13.13 -0.84 -22.87
CA ARG A 106 13.65 -1.44 -24.08
C ARG A 106 14.21 -0.34 -24.98
N TYR A 107 15.41 -0.57 -25.49
CA TYR A 107 16.11 0.41 -26.31
C TYR A 107 16.74 -0.26 -27.52
N LYS A 108 16.41 0.24 -28.70
CA LYS A 108 16.79 -0.39 -29.97
C LYS A 108 16.40 -1.88 -29.96
N GLU A 109 15.21 -2.15 -29.43
CA GLU A 109 14.66 -3.50 -29.30
C GLU A 109 15.46 -4.43 -28.36
N ALA A 110 16.48 -3.89 -27.70
CA ALA A 110 17.27 -4.63 -26.75
C ALA A 110 16.87 -4.26 -25.32
N SER A 111 16.95 -5.24 -24.42
CA SER A 111 16.68 -5.00 -23.00
C SER A 111 17.98 -5.04 -22.18
N GLY A 112 17.86 -4.81 -20.88
CA GLY A 112 19.03 -4.72 -20.00
C GLY A 112 19.35 -3.27 -19.68
N TYR A 113 18.44 -2.38 -20.02
CA TYR A 113 18.56 -0.95 -19.72
C TYR A 113 17.61 -0.59 -18.59
N PHE A 114 18.14 0.08 -17.55
CA PHE A 114 17.30 0.51 -16.44
C PHE A 114 17.81 1.73 -15.67
N HIS A 115 16.86 2.50 -15.16
CA HIS A 115 17.14 3.62 -14.28
C HIS A 115 16.81 3.18 -12.87
N THR A 116 17.70 3.46 -11.93
CA THR A 116 17.46 3.13 -10.53
C THR A 116 17.42 4.40 -9.71
N LEU A 117 16.22 4.72 -9.21
CA LEU A 117 15.96 6.00 -8.59
C LEU A 117 15.43 5.87 -7.18
N ARG A 118 15.65 6.89 -6.36
CA ARG A 118 15.06 6.96 -5.04
C ARG A 118 14.62 8.37 -4.71
N ALA A 119 13.84 8.50 -3.64
CA ALA A 119 13.28 9.79 -3.27
C ALA A 119 14.19 10.53 -2.30
N VAL A 120 14.25 11.84 -2.45
CA VAL A 120 15.00 12.70 -1.51
C VAL A 120 14.20 12.85 -0.23
N ARG A 122 13.90 13.65 4.10
CA ARG A 122 14.41 14.40 5.25
C ARG A 122 14.26 13.65 6.57
N ASN A 123 13.87 12.39 6.48
CA ASN A 123 13.81 11.52 7.65
C ASN A 123 14.59 10.23 7.40
N PRO A 124 15.79 10.14 8.00
CA PRO A 124 16.66 8.96 7.89
C PRO A 124 15.98 7.66 8.34
N GLU A 125 14.85 7.78 9.04
CA GLU A 125 14.10 6.63 9.54
C GLU A 125 12.93 6.27 8.62
N GLU A 126 12.96 6.78 7.38
CA GLU A 126 11.94 6.50 6.37
C GLU A 126 12.58 6.00 5.09
N ASP A 127 12.19 4.80 4.66
CA ASP A 127 12.81 4.18 3.49
C ASP A 127 12.36 4.75 2.14
N GLY A 128 11.33 5.58 2.16
CA GLY A 128 10.83 6.26 0.96
C GLY A 128 10.06 5.38 -0.01
N LYS A 129 9.73 4.17 0.44
CA LYS A 129 9.09 3.16 -0.41
C LYS A 129 7.69 3.59 -0.89
N ASP A 130 6.93 4.24 0.00
CA ASP A 130 5.58 4.72 -0.32
C ASP A 130 5.56 5.76 -1.47
N THR A 131 6.53 6.67 -1.44
CA THR A 131 6.72 7.67 -2.49
C THR A 131 6.97 7.00 -3.84
N LEU A 132 7.80 5.96 -3.83
CA LEU A 132 8.14 5.22 -5.05
C LEU A 132 6.98 4.35 -5.53
N GLN A 133 6.20 3.80 -4.60
CA GLN A 133 5.02 3.02 -4.96
C GLN A 133 3.99 3.91 -5.66
N CYS A 134 3.88 5.15 -5.19
CA CYS A 134 2.98 6.15 -5.77
C CYS A 134 3.36 6.50 -7.20
N ILE A 135 4.65 6.76 -7.43
CA ILE A 135 5.14 7.10 -8.76
C ILE A 135 4.91 5.93 -9.74
N ALA A 136 5.28 4.72 -9.31
CA ALA A 136 5.08 3.50 -10.10
C ALA A 136 3.62 3.31 -10.48
N GLU A 137 2.72 3.62 -9.53
CA GLU A 137 1.29 3.52 -9.78
C GLU A 137 0.80 4.48 -10.87
N LEU A 139 2.70 5.71 -13.35
CA LEU A 139 3.27 5.18 -14.57
C LEU A 139 2.44 4.01 -15.08
N GLN A 140 1.87 3.24 -14.15
CA GLN A 140 1.13 2.04 -14.48
C GLN A 140 -0.22 2.34 -15.13
N ILE A 141 -1.04 3.16 -14.48
CA ILE A 141 -2.35 3.51 -15.04
C ILE A 141 -2.28 4.34 -16.33
N THR A 142 -1.25 5.18 -16.44
CA THR A 142 -1.04 5.95 -17.66
C THR A 142 -0.80 5.01 -18.85
N LYS A 143 0.02 3.98 -18.63
CA LYS A 143 0.29 2.97 -19.64
C LYS A 143 -0.93 2.09 -19.89
N GLN A 144 -1.68 1.79 -18.83
CA GLN A 144 -2.93 1.04 -18.94
C GLN A 144 -3.99 1.80 -19.73
N ALA A 145 -3.97 3.13 -19.62
CA ALA A 145 -4.88 3.99 -20.36
C ALA A 145 -4.65 3.93 -21.87
N GLY A 147 -3.64 1.27 -23.40
CA GLY A 147 -4.02 -0.07 -23.84
C GLY A 147 -3.17 -1.22 -23.35
N SER A 148 -1.97 -0.93 -22.87
CA SER A 148 -1.05 -1.99 -22.46
C SER A 148 -1.07 -2.22 -20.94
N ASP A 149 -0.06 -2.91 -20.44
CA ASP A 149 0.06 -3.15 -18.99
C ASP A 149 1.49 -2.88 -18.51
N LEU A 150 1.64 -2.72 -17.20
CA LEU A 150 2.94 -2.48 -16.60
C LEU A 150 3.02 -3.16 -15.25
N PRO A 151 3.78 -4.28 -15.16
CA PRO A 151 3.92 -4.95 -13.87
C PRO A 151 4.78 -4.16 -12.87
N ILE A 152 4.25 -3.98 -11.67
CA ILE A 152 5.04 -3.45 -10.55
C ILE A 152 5.40 -4.61 -9.62
N ILE A 153 6.70 -4.84 -9.46
CA ILE A 153 7.21 -6.00 -8.74
C ILE A 153 7.93 -5.61 -7.44
N GLU A 154 7.49 -6.21 -6.33
CA GLU A 154 8.20 -6.09 -5.06
C GLU A 154 9.14 -7.28 -4.92
N LYS A 155 10.44 -7.00 -4.96
CA LYS A 155 11.48 -8.02 -4.79
C LYS A 155 12.82 -7.39 -4.45
N LYS A 156 13.82 -8.22 -4.16
CA LYS A 156 15.17 -7.74 -3.95
C LYS A 156 15.77 -7.27 -5.28
N LEU A 157 16.55 -6.20 -5.21
CA LEU A 157 17.19 -5.64 -6.40
C LEU A 157 18.56 -6.27 -6.60
N GLU A 158 18.88 -6.59 -7.85
CA GLU A 158 20.10 -7.30 -8.20
C GLU A 158 21.31 -6.37 -8.24
N ALA A 159 22.46 -6.91 -7.82
CA ALA A 159 23.70 -6.16 -7.72
C ALA A 159 24.43 -6.06 -9.07
N LYS A 160 23.73 -5.56 -10.09
CA LYS A 160 24.29 -5.37 -11.42
C LYS A 160 24.04 -3.96 -11.94
N ALA A 161 24.89 -3.53 -12.87
CA ALA A 161 24.76 -2.22 -13.50
C ALA A 161 23.93 -2.33 -14.78
N SER A 162 23.28 -1.23 -15.14
CA SER A 162 22.57 -1.13 -16.40
C SER A 162 23.55 -0.98 -17.57
N LYS A 163 23.10 -1.35 -18.77
CA LYS A 163 23.81 -1.00 -19.99
C LYS A 163 23.88 0.53 -20.08
N PRO A 164 24.99 1.06 -20.63
CA PRO A 164 25.12 2.54 -20.69
C PRO A 164 23.92 3.20 -21.36
N HIS A 165 23.41 4.26 -20.72
CA HIS A 165 22.30 5.02 -21.27
C HIS A 165 22.78 5.94 -22.38
N GLU A 166 21.96 6.11 -23.40
CA GLU A 166 22.26 7.04 -24.47
C GLU A 166 21.18 8.11 -24.54
N ASP A 167 21.57 9.32 -24.93
CA ASP A 167 20.62 10.42 -25.06
C ASP A 167 19.61 10.12 -26.17
N ILE A 168 18.34 10.39 -25.90
CA ILE A 168 17.28 10.12 -26.87
C ILE A 168 16.19 11.20 -26.85
N ILE A 169 15.89 11.74 -28.03
CA ILE A 169 14.93 12.81 -28.23
C ILE A 169 13.53 12.26 -28.46
N SER B 1 26.75 23.88 -33.92
CA SER B 1 27.47 23.73 -32.62
C SER B 1 26.56 23.14 -31.54
N ARG B 2 25.49 23.85 -31.22
CA ARG B 2 24.52 23.42 -30.22
C ARG B 2 23.61 22.32 -30.77
N SER B 3 23.45 21.26 -30.00
CA SER B 3 22.62 20.12 -30.40
C SER B 3 21.23 20.20 -29.79
N HIS B 4 20.31 19.36 -30.30
CA HIS B 4 18.94 19.31 -29.82
C HIS B 4 18.89 19.06 -28.32
N GLN B 5 19.68 18.09 -27.86
CA GLN B 5 19.76 17.76 -26.45
C GLN B 5 20.23 18.97 -25.63
N GLU B 6 21.28 19.64 -26.10
CA GLU B 6 21.81 20.83 -25.45
C GLU B 6 20.76 21.95 -25.37
N LEU B 7 19.95 22.08 -26.42
CA LEU B 7 18.89 23.09 -26.45
C LEU B 7 17.74 22.77 -25.50
N ILE B 8 17.26 21.53 -25.52
CA ILE B 8 16.16 21.12 -24.64
C ILE B 8 16.60 21.10 -23.17
N SER B 9 17.89 20.81 -22.94
CA SER B 9 18.48 20.82 -21.61
C SER B 9 18.58 22.23 -21.03
N GLN B 10 19.10 23.15 -21.84
CA GLN B 10 19.26 24.56 -21.45
C GLN B 10 17.90 25.21 -21.21
N LEU B 11 16.90 24.73 -21.94
CA LEU B 11 15.52 25.17 -21.79
C LEU B 11 14.93 24.70 -20.44
N LEU B 12 15.24 23.46 -20.07
CA LEU B 12 14.82 22.92 -18.77
C LEU B 12 15.46 23.67 -17.61
N GLN B 13 16.76 23.95 -17.72
CA GLN B 13 17.50 24.68 -16.69
C GLN B 13 16.93 26.08 -16.48
N SER B 14 16.78 26.83 -17.57
CA SER B 14 16.29 28.20 -17.53
C SER B 14 14.90 28.30 -16.89
N TYR B 15 14.08 27.29 -17.15
CA TYR B 15 12.69 27.32 -16.71
C TYR B 15 12.45 26.83 -15.28
N LYS B 17 14.68 27.80 -13.18
CA LYS B 17 15.25 29.01 -12.60
C LYS B 17 14.29 30.20 -12.69
N LEU B 18 13.36 30.15 -13.63
CA LEU B 18 12.39 31.24 -13.83
C LEU B 18 11.08 31.03 -13.05
N LEU B 19 10.63 29.79 -12.96
CA LEU B 19 9.38 29.46 -12.30
C LEU B 19 9.41 29.63 -10.78
N LEU B 20 10.48 29.15 -10.16
CA LEU B 20 10.62 29.17 -8.71
C LEU B 20 11.65 30.19 -8.26
N PRO B 21 11.44 30.80 -7.08
CA PRO B 21 12.44 31.65 -6.44
C PRO B 21 13.76 30.91 -6.19
N ASP B 22 14.85 31.67 -6.11
CA ASP B 22 16.20 31.12 -5.93
C ASP B 22 16.35 30.11 -4.79
N ASP B 23 15.69 30.35 -3.65
CA ASP B 23 15.83 29.48 -2.49
C ASP B 23 14.99 28.18 -2.54
N GLU B 24 14.05 28.10 -3.49
CA GLU B 24 13.14 26.96 -3.57
C GLU B 24 13.58 25.89 -4.57
N LYS B 25 13.32 24.63 -4.22
CA LYS B 25 13.68 23.49 -5.06
C LYS B 25 12.44 22.63 -5.36
N PHE B 26 12.25 22.32 -6.64
CA PHE B 26 11.16 21.47 -7.11
C PHE B 26 11.17 20.08 -6.46
N HIS B 27 9.99 19.61 -6.07
CA HIS B 27 9.83 18.25 -5.54
C HIS B 27 8.86 17.43 -6.38
N GLY B 28 7.70 18.03 -6.68
CA GLY B 28 6.63 17.33 -7.40
C GLY B 28 5.68 18.25 -8.15
N GLY B 29 5.01 17.67 -9.14
CA GLY B 29 4.01 18.38 -9.95
C GLY B 29 2.96 17.44 -10.53
N TRP B 30 1.71 17.88 -10.52
CA TRP B 30 0.60 17.03 -10.98
C TRP B 30 -0.42 17.82 -11.77
N ALA B 31 -0.93 17.21 -12.83
CA ALA B 31 -2.05 17.77 -13.58
C ALA B 31 -3.34 17.33 -12.93
N LEU B 32 -4.20 18.28 -12.66
CA LEU B 32 -5.45 17.99 -11.96
C LEU B 32 -6.61 18.73 -12.62
N ILE B 33 -7.82 18.38 -12.21
CA ILE B 33 -9.03 19.05 -12.67
C ILE B 33 -9.76 19.61 -11.45
N ASP B 34 -10.28 20.82 -11.61
CA ASP B 34 -11.10 21.48 -10.59
C ASP B 34 -12.35 20.66 -10.32
N CYS B 35 -12.61 20.40 -9.04
CA CYS B 35 -13.71 19.54 -8.62
C CYS B 35 -14.90 20.32 -8.07
N ASP B 36 -14.69 21.58 -7.72
CA ASP B 36 -15.75 22.45 -7.22
C ASP B 36 -16.70 22.91 -8.34
N PRO B 37 -18.02 22.79 -8.11
CA PRO B 37 -18.98 23.26 -9.10
C PRO B 37 -18.96 24.79 -9.19
N SER B 38 -18.66 25.30 -10.39
CA SER B 38 -18.60 26.74 -10.62
C SER B 38 -19.97 27.33 -10.92
N LEU B 39 -20.10 28.64 -10.72
CA LEU B 39 -21.40 29.31 -10.84
C LEU B 39 -21.47 30.19 -12.10
N ILE B 40 -21.29 29.56 -13.27
CA ILE B 40 -21.24 30.29 -14.54
C ILE B 40 -22.36 29.89 -15.52
N ASP B 41 -22.23 28.72 -16.13
CA ASP B 41 -23.14 28.29 -17.21
C ASP B 41 -23.40 26.78 -17.19
N ALA B 42 -24.34 26.33 -18.04
CA ALA B 42 -24.81 24.95 -18.08
C ALA B 42 -23.76 23.91 -18.53
N THR B 43 -23.22 24.09 -19.74
CA THR B 43 -22.35 23.07 -20.36
C THR B 43 -21.16 22.68 -19.48
N HIS B 44 -21.16 21.43 -19.04
CA HIS B 44 -20.13 20.88 -18.17
C HIS B 44 -18.78 20.85 -18.88
N ARG B 45 -17.77 21.42 -18.23
CA ARG B 45 -16.45 21.59 -18.84
C ARG B 45 -15.34 21.46 -17.81
N ASP B 46 -14.32 20.67 -18.14
CA ASP B 46 -13.19 20.44 -17.25
C ASP B 46 -12.27 21.66 -17.20
N VAL B 47 -11.98 22.12 -15.98
CA VAL B 47 -11.00 23.17 -15.77
C VAL B 47 -9.68 22.55 -15.33
N ASP B 48 -8.67 22.67 -16.20
CA ASP B 48 -7.34 22.15 -15.91
C ASP B 48 -6.71 22.93 -14.78
N VAL B 49 -6.07 22.20 -13.87
CA VAL B 49 -5.40 22.77 -12.71
C VAL B 49 -4.01 22.18 -12.58
N LEU B 50 -3.03 23.05 -12.38
CA LEU B 50 -1.67 22.61 -12.17
C LEU B 50 -1.26 22.80 -10.71
N LEU B 51 -0.82 21.72 -10.09
CA LEU B 51 -0.31 21.76 -8.72
C LEU B 51 1.18 21.41 -8.72
N LEU B 52 1.98 22.38 -8.31
CA LEU B 52 3.43 22.25 -8.22
C LEU B 52 3.84 22.32 -6.76
N LEU B 53 4.85 21.52 -6.38
CA LEU B 53 5.32 21.48 -4.99
C LEU B 53 6.83 21.70 -4.88
N SER B 54 7.20 22.61 -3.99
CA SER B 54 8.61 22.84 -3.63
C SER B 54 8.83 22.46 -2.17
N ASN B 55 10.03 22.72 -1.67
CA ASN B 55 10.38 22.40 -0.28
C ASN B 55 9.65 23.28 0.75
N SER B 56 9.12 24.41 0.30
CA SER B 56 8.54 25.41 1.20
C SER B 56 7.18 25.96 0.75
N ALA B 57 6.77 25.61 -0.47
CA ALA B 57 5.52 26.13 -1.03
C ALA B 57 4.85 25.15 -1.99
N TYR B 58 3.56 25.34 -2.18
CA TYR B 58 2.82 24.63 -3.23
C TYR B 58 2.10 25.65 -4.12
N TYR B 59 2.06 25.35 -5.41
CA TYR B 59 1.57 26.29 -6.41
C TYR B 59 0.33 25.72 -7.06
N VAL B 60 -0.73 26.53 -7.13
CA VAL B 60 -1.98 26.15 -7.78
C VAL B 60 -2.27 27.14 -8.90
N ALA B 61 -2.39 26.63 -10.13
CA ALA B 61 -2.66 27.46 -11.29
C ALA B 61 -3.82 26.91 -12.11
N TYR B 62 -4.83 27.77 -12.32
CA TYR B 62 -6.03 27.40 -13.07
C TYR B 62 -5.90 27.78 -14.54
N TYR B 63 -6.37 26.91 -15.42
CA TYR B 63 -6.31 27.15 -16.87
C TYR B 63 -7.67 27.53 -17.44
N ASP B 64 -7.67 28.42 -18.43
CA ASP B 64 -8.87 28.83 -19.15
C ASP B 64 -9.47 27.63 -19.87
N ASP B 65 -10.80 27.58 -19.89
CA ASP B 65 -11.55 26.46 -20.44
C ASP B 65 -11.24 26.14 -21.92
N GLU B 66 -11.25 27.17 -22.76
CA GLU B 66 -11.17 26.97 -24.20
C GLU B 66 -9.77 27.19 -24.76
N VAL B 67 -9.15 28.30 -24.38
CA VAL B 67 -7.82 28.66 -24.87
C VAL B 67 -6.73 28.21 -23.89
N ASP B 68 -5.49 28.16 -24.37
CA ASP B 68 -4.34 27.77 -23.56
C ASP B 68 -3.76 28.99 -22.85
N LYS B 69 -4.28 29.29 -21.66
CA LYS B 69 -3.72 30.32 -20.78
C LYS B 69 -4.15 30.13 -19.33
N VAL B 70 -3.38 30.74 -18.42
CA VAL B 70 -3.64 30.67 -16.98
C VAL B 70 -4.55 31.82 -16.55
N ASN B 71 -5.70 31.48 -15.98
CA ASN B 71 -6.66 32.46 -15.51
C ASN B 71 -6.40 32.94 -14.09
N GLN B 72 -6.03 32.01 -13.21
CA GLN B 72 -5.81 32.27 -11.79
C GLN B 72 -4.56 31.54 -11.31
N TYR B 73 -3.74 32.23 -10.52
CA TYR B 73 -2.44 31.70 -10.08
C TYR B 73 -2.19 32.02 -8.60
N GLN B 74 -1.59 31.07 -7.89
CA GLN B 74 -1.28 31.26 -6.46
C GLN B 74 -0.03 30.52 -6.01
N ARG B 75 0.90 31.25 -5.42
CA ARG B 75 1.95 30.63 -4.62
C ARG B 75 1.52 30.68 -3.17
N LEU B 76 1.42 29.51 -2.56
CA LEU B 76 0.96 29.39 -1.18
C LEU B 76 2.02 28.70 -0.34
N SER B 77 2.40 29.34 0.76
CA SER B 77 3.36 28.78 1.70
C SER B 77 2.78 27.55 2.36
N LEU B 78 3.62 26.55 2.62
CA LEU B 78 3.14 25.28 3.19
C LEU B 78 2.59 25.39 4.61
N GLU B 79 3.12 26.32 5.40
CA GLU B 79 2.70 26.50 6.80
C GLU B 79 1.22 26.85 6.88
N ASN B 80 0.70 27.46 5.83
CA ASN B 80 -0.68 27.94 5.82
C ASN B 80 -1.67 26.89 5.31
N LEU B 81 -1.13 25.79 4.78
CA LEU B 81 -1.95 24.63 4.44
C LEU B 81 -2.34 23.92 5.74
N GLU B 82 -3.60 24.11 6.15
CA GLU B 82 -4.08 23.63 7.45
C GLU B 82 -4.34 22.13 7.47
N LYS B 83 -5.10 21.64 6.49
CA LYS B 83 -5.53 20.25 6.46
C LYS B 83 -5.88 19.79 5.04
N ILE B 84 -5.93 18.48 4.86
CA ILE B 84 -6.36 17.90 3.60
C ILE B 84 -7.53 16.94 3.87
N GLU B 85 -8.61 17.10 3.11
CA GLU B 85 -9.73 16.18 3.16
C GLU B 85 -9.84 15.43 1.84
N ILE B 86 -10.02 14.11 1.92
CA ILE B 86 -10.20 13.29 0.75
C ILE B 86 -11.48 12.47 0.90
N GLY B 87 -12.36 12.56 -0.08
CA GLY B 87 -13.61 11.82 -0.06
C GLY B 87 -14.45 12.02 -1.31
N PRO B 88 -15.66 11.42 -1.33
CA PRO B 88 -16.55 11.52 -2.48
C PRO B 88 -16.78 12.97 -2.89
N GLU B 89 -16.83 13.22 -4.19
CA GLU B 89 -17.08 14.55 -4.74
C GLU B 89 -18.38 15.16 -4.20
N PRO B 90 -18.37 16.48 -3.94
CA PRO B 90 -19.57 17.15 -3.44
C PRO B 90 -20.54 17.58 -4.55
N THR B 91 -21.07 16.62 -5.31
CA THR B 91 -22.06 16.92 -6.34
C THR B 91 -23.35 17.48 -5.77
N LEU B 92 -24.03 18.28 -6.58
CA LEU B 92 -25.28 18.89 -6.18
C LEU B 92 -26.47 17.97 -6.44
N PHE B 93 -26.22 16.89 -7.18
CA PHE B 93 -27.17 15.78 -7.32
C PHE B 93 -26.50 14.48 -7.73
N GLY B 94 -27.17 13.37 -7.40
CA GLY B 94 -26.76 12.04 -7.83
C GLY B 94 -25.78 11.42 -6.85
N LYS B 95 -25.37 10.19 -7.17
CA LYS B 95 -24.27 9.55 -6.46
C LYS B 95 -22.99 10.26 -6.85
N PRO B 96 -22.09 10.48 -5.88
CA PRO B 96 -20.74 10.92 -6.24
C PRO B 96 -20.07 9.94 -7.20
N LYS B 97 -19.44 10.48 -8.24
CA LYS B 97 -18.86 9.67 -9.31
C LYS B 97 -17.40 9.31 -9.05
N PHE B 98 -16.70 10.15 -8.28
CA PHE B 98 -15.28 9.96 -7.99
C PHE B 98 -14.85 10.66 -6.70
N SER B 99 -13.59 10.49 -6.32
CA SER B 99 -13.01 11.16 -5.17
C SER B 99 -12.40 12.51 -5.55
N CYS B 100 -12.41 13.44 -4.61
CA CYS B 100 -11.75 14.72 -4.79
C CYS B 100 -10.93 15.03 -3.54
N ARG B 102 -9.56 18.10 -1.08
CA ARG B 102 -9.78 19.48 -0.70
C ARG B 102 -8.58 19.97 0.13
N LEU B 103 -7.89 20.97 -0.39
CA LEU B 103 -6.77 21.59 0.31
C LEU B 103 -7.26 22.87 0.98
N HIS B 104 -7.34 22.83 2.31
CA HIS B 104 -7.80 23.98 3.10
C HIS B 104 -6.60 24.84 3.47
N TYR B 105 -6.68 26.13 3.17
CA TYR B 105 -5.56 27.03 3.43
C TYR B 105 -5.91 28.33 4.16
N ARG B 106 -4.94 28.83 4.93
CA ARG B 106 -5.04 30.11 5.62
C ARG B 106 -4.70 31.26 4.68
N TYR B 107 -5.59 32.24 4.61
CA TYR B 107 -5.37 33.44 3.79
C TYR B 107 -5.70 34.70 4.59
N LYS B 108 -4.72 35.61 4.67
CA LYS B 108 -4.83 36.85 5.45
C LYS B 108 -5.45 36.59 6.83
N GLU B 109 -4.83 35.64 7.55
CA GLU B 109 -5.24 35.25 8.90
C GLU B 109 -6.72 34.84 9.01
N ALA B 110 -7.20 34.10 8.00
CA ALA B 110 -8.59 33.65 7.95
C ALA B 110 -8.74 32.29 7.26
N SER B 111 -9.80 31.57 7.64
CA SER B 111 -10.11 30.28 7.01
C SER B 111 -11.33 30.36 6.09
N GLY B 112 -11.73 29.22 5.54
CA GLY B 112 -12.84 29.15 4.59
C GLY B 112 -12.37 29.12 3.15
N TYR B 113 -11.06 29.23 2.95
CA TYR B 113 -10.45 29.18 1.63
C TYR B 113 -9.99 27.76 1.33
N PHE B 114 -10.49 27.17 0.26
CA PHE B 114 -10.06 25.84 -0.16
C PHE B 114 -10.11 25.59 -1.66
N HIS B 115 -9.17 24.77 -2.14
CA HIS B 115 -9.18 24.27 -3.50
C HIS B 115 -9.63 22.82 -3.45
N THR B 116 -10.54 22.43 -4.34
CA THR B 116 -10.99 21.05 -4.42
C THR B 116 -10.62 20.48 -5.79
N LEU B 117 -9.75 19.46 -5.78
CA LEU B 117 -9.16 18.96 -7.02
C LEU B 117 -9.30 17.45 -7.18
N ARG B 118 -9.32 16.98 -8.43
CA ARG B 118 -9.28 15.56 -8.72
C ARG B 118 -8.31 15.24 -9.85
N ALA B 119 -7.89 13.98 -9.92
CA ALA B 119 -6.91 13.56 -10.93
C ALA B 119 -7.58 13.26 -12.26
N VAL B 120 -6.84 13.48 -13.35
CA VAL B 120 -7.34 13.22 -14.69
C VAL B 120 -7.39 11.71 -14.93
N ARG B 122 -8.54 8.73 -17.17
CA ARG B 122 -8.94 8.34 -18.51
C ARG B 122 -9.87 7.12 -18.50
N ASN B 123 -9.77 6.33 -17.44
CA ASN B 123 -10.69 5.22 -17.22
C ASN B 123 -11.88 5.70 -16.40
N PRO B 124 -13.11 5.58 -16.97
CA PRO B 124 -14.34 6.02 -16.30
C PRO B 124 -14.60 5.33 -14.96
N GLU B 125 -14.34 4.02 -14.91
CA GLU B 125 -14.64 3.21 -13.72
C GLU B 125 -13.55 3.31 -12.65
N GLU B 126 -12.63 4.25 -12.82
CA GLU B 126 -11.54 4.44 -11.89
C GLU B 126 -11.85 5.57 -10.90
N ASP B 127 -11.80 5.22 -9.61
CA ASP B 127 -12.09 6.13 -8.51
C ASP B 127 -11.21 7.39 -8.52
N GLY B 128 -9.89 7.19 -8.52
CA GLY B 128 -8.93 8.29 -8.50
C GLY B 128 -8.37 8.60 -7.12
N LYS B 129 -8.93 7.95 -6.10
CA LYS B 129 -8.57 8.18 -4.69
C LYS B 129 -7.10 7.88 -4.37
N ASP B 130 -6.57 6.79 -4.93
CA ASP B 130 -5.18 6.39 -4.73
C ASP B 130 -4.21 7.50 -5.11
N THR B 131 -4.42 8.08 -6.29
CA THR B 131 -3.61 9.18 -6.81
C THR B 131 -3.60 10.38 -5.86
N LEU B 132 -4.77 10.75 -5.36
CA LEU B 132 -4.91 11.90 -4.46
C LEU B 132 -4.30 11.66 -3.09
N GLN B 133 -4.39 10.43 -2.60
CA GLN B 133 -3.77 10.04 -1.34
C GLN B 133 -2.25 10.21 -1.44
N CYS B 134 -1.70 9.75 -2.58
CA CYS B 134 -0.29 9.90 -2.89
C CYS B 134 0.17 11.35 -2.89
N ILE B 135 -0.64 12.23 -3.50
CA ILE B 135 -0.34 13.65 -3.54
C ILE B 135 -0.35 14.26 -2.13
N ALA B 136 -1.40 13.95 -1.37
CA ALA B 136 -1.55 14.40 0.00
C ALA B 136 -0.36 13.98 0.87
N GLU B 137 0.06 12.73 0.72
CA GLU B 137 1.20 12.20 1.44
C GLU B 137 2.50 12.93 1.14
N LEU B 139 2.60 16.15 0.11
CA LEU B 139 2.38 17.46 0.72
C LEU B 139 2.61 17.37 2.22
N GLN B 140 2.13 16.29 2.83
CA GLN B 140 2.31 16.02 4.26
C GLN B 140 3.79 15.88 4.61
N ILE B 141 4.47 14.94 3.93
CA ILE B 141 5.87 14.64 4.20
C ILE B 141 6.78 15.88 4.03
N THR B 142 6.44 16.75 3.08
CA THR B 142 7.20 17.97 2.81
C THR B 142 6.98 19.00 3.91
N LYS B 143 5.72 19.18 4.32
CA LYS B 143 5.38 20.09 5.42
C LYS B 143 6.00 19.64 6.75
N GLN B 144 6.09 18.32 6.95
CA GLN B 144 6.73 17.74 8.14
C GLN B 144 8.23 17.99 8.20
N ALA B 145 8.88 18.12 7.04
CA ALA B 145 10.30 18.43 6.98
C ALA B 145 10.59 19.86 7.47
N GLY B 147 8.78 20.91 9.97
CA GLY B 147 8.52 20.70 11.40
C GLY B 147 7.06 20.75 11.82
N SER B 148 6.15 20.81 10.85
CA SER B 148 4.72 20.92 11.14
C SER B 148 3.91 19.73 10.64
N ASP B 149 2.95 19.29 11.45
CA ASP B 149 2.05 18.21 11.05
C ASP B 149 0.98 18.71 10.09
N LEU B 150 0.54 17.81 9.21
CA LEU B 150 -0.57 18.06 8.31
C LEU B 150 -1.52 16.88 8.35
N PRO B 151 -2.74 17.09 8.88
CA PRO B 151 -3.72 16.01 8.92
C PRO B 151 -4.33 15.71 7.54
N ILE B 152 -4.32 14.43 7.17
CA ILE B 152 -5.07 13.95 6.01
C ILE B 152 -6.29 13.21 6.55
N ILE B 153 -7.46 13.74 6.26
CA ILE B 153 -8.71 13.20 6.82
C ILE B 153 -9.61 12.66 5.72
N GLU B 154 -10.03 11.39 5.88
CA GLU B 154 -11.04 10.79 5.01
C GLU B 154 -12.43 11.09 5.55
N LYS B 155 -13.26 11.68 4.70
CA LYS B 155 -14.66 12.00 5.03
C LYS B 155 -15.42 12.50 3.80
N LYS B 156 -16.74 12.56 3.91
CA LYS B 156 -17.58 13.10 2.85
C LYS B 156 -17.33 14.60 2.72
N LEU B 157 -17.17 15.08 1.50
CA LEU B 157 -16.89 16.49 1.25
C LEU B 157 -18.16 17.34 1.34
N GLU B 158 -18.08 18.43 2.10
CA GLU B 158 -19.18 19.36 2.26
C GLU B 158 -19.48 20.07 0.95
N ALA B 159 -20.72 20.20 0.53
CA ALA B 159 -20.94 20.80 -0.79
C ALA B 159 -20.93 22.31 -0.73
N LYS B 160 -19.77 22.88 -0.57
CA LYS B 160 -19.68 24.28 -0.31
C LYS B 160 -18.55 24.95 -1.09
N ALA B 161 -18.74 26.21 -1.45
CA ALA B 161 -17.77 26.90 -2.26
C ALA B 161 -16.91 27.73 -1.35
N SER B 162 -15.60 27.62 -1.51
CA SER B 162 -14.64 28.34 -0.67
C SER B 162 -14.31 29.79 -1.07
N LYS B 163 -14.31 30.63 -0.04
CA LYS B 163 -14.17 32.08 -0.09
C LYS B 163 -13.45 32.44 -1.40
N PRO B 164 -13.87 33.54 -2.06
CA PRO B 164 -13.31 33.93 -3.35
C PRO B 164 -11.77 33.85 -3.39
N HIS B 165 -11.24 33.11 -4.36
CA HIS B 165 -9.80 32.93 -4.50
C HIS B 165 -9.12 34.16 -5.12
N GLU B 166 -8.19 34.75 -4.39
CA GLU B 166 -7.42 35.89 -4.88
C GLU B 166 -6.02 35.48 -5.34
N ASP B 167 -5.51 36.14 -6.37
CA ASP B 167 -4.19 35.86 -6.93
C ASP B 167 -3.07 36.26 -5.95
N ILE B 168 -2.06 35.39 -5.84
CA ILE B 168 -0.93 35.61 -4.92
C ILE B 168 0.41 35.34 -5.61
N ILE B 169 1.35 36.27 -5.44
CA ILE B 169 2.72 36.11 -5.93
C ILE B 169 3.55 35.38 -4.88
N SER C 1 -13.00 -34.54 37.48
CA SER C 1 -13.80 -34.15 36.28
C SER C 1 -13.35 -32.78 35.76
N ARG C 2 -13.52 -32.57 34.44
CA ARG C 2 -13.09 -31.32 33.81
C ARG C 2 -14.22 -30.30 33.66
N SER C 3 -13.84 -29.03 33.49
CA SER C 3 -14.78 -27.93 33.35
C SER C 3 -15.05 -27.62 31.86
N HIS C 4 -16.07 -26.81 31.60
CA HIS C 4 -16.36 -26.31 30.26
C HIS C 4 -15.10 -25.69 29.68
N GLN C 5 -14.44 -24.85 30.48
CA GLN C 5 -13.21 -24.18 30.10
C GLN C 5 -12.10 -25.16 29.74
N GLU C 6 -11.84 -26.10 30.64
CA GLU C 6 -10.77 -27.10 30.46
C GLU C 6 -10.95 -27.91 29.18
N LEU C 7 -12.21 -28.21 28.84
CA LEU C 7 -12.53 -28.90 27.60
C LEU C 7 -12.24 -28.04 26.38
N ILE C 8 -12.59 -26.76 26.47
CA ILE C 8 -12.39 -25.81 25.36
C ILE C 8 -10.90 -25.63 25.06
N SER C 9 -10.10 -25.48 26.11
CA SER C 9 -8.65 -25.38 25.98
C SER C 9 -8.02 -26.67 25.42
N GLN C 10 -8.56 -27.82 25.84
CA GLN C 10 -8.07 -29.10 25.35
C GLN C 10 -8.42 -29.34 23.89
N LEU C 11 -9.62 -28.91 23.50
CA LEU C 11 -10.05 -29.01 22.11
C LEU C 11 -9.15 -28.19 21.21
N LEU C 12 -8.87 -26.95 21.62
CA LEU C 12 -8.00 -26.05 20.88
C LEU C 12 -6.58 -26.61 20.73
N GLN C 13 -6.02 -27.10 21.83
CA GLN C 13 -4.70 -27.76 21.83
C GLN C 13 -4.66 -28.88 20.80
N SER C 14 -5.62 -29.80 20.92
CA SER C 14 -5.74 -30.96 20.05
C SER C 14 -5.86 -30.56 18.59
N TYR C 15 -6.64 -29.52 18.32
CA TYR C 15 -6.87 -29.04 16.97
C TYR C 15 -5.64 -28.48 16.28
N LYS C 17 -2.62 -29.15 16.99
CA LYS C 17 -1.68 -30.26 16.82
C LYS C 17 -2.06 -31.11 15.61
N LEU C 18 -3.35 -31.38 15.45
CA LEU C 18 -3.85 -32.23 14.37
C LEU C 18 -3.81 -31.52 13.00
N LEU C 19 -3.95 -30.21 13.02
CA LEU C 19 -4.01 -29.38 11.81
C LEU C 19 -2.76 -29.48 10.93
N LEU C 20 -1.59 -29.65 11.55
CA LEU C 20 -0.31 -29.65 10.86
C LEU C 20 0.61 -30.78 11.32
N PRO C 21 1.56 -31.22 10.45
CA PRO C 21 2.59 -32.19 10.83
C PRO C 21 3.41 -31.75 12.04
N ASP C 22 3.99 -32.74 12.74
CA ASP C 22 4.77 -32.53 13.98
C ASP C 22 5.74 -31.35 13.94
N ASP C 23 6.47 -31.20 12.83
CA ASP C 23 7.56 -30.22 12.75
C ASP C 23 7.16 -28.87 12.16
N GLU C 24 5.87 -28.62 12.05
CA GLU C 24 5.36 -27.37 11.50
C GLU C 24 4.65 -26.50 12.54
N LYS C 25 4.89 -25.19 12.48
CA LYS C 25 4.24 -24.21 13.34
C LYS C 25 3.26 -23.41 12.51
N PHE C 26 2.08 -23.16 13.07
CA PHE C 26 1.08 -22.29 12.48
C PHE C 26 1.58 -20.84 12.54
N HIS C 27 1.49 -20.14 11.42
CA HIS C 27 1.82 -18.72 11.36
C HIS C 27 0.58 -17.86 11.11
N GLY C 28 -0.29 -18.34 10.22
CA GLY C 28 -1.45 -17.56 9.84
C GLY C 28 -2.50 -18.36 9.09
N GLY C 29 -3.71 -17.83 9.06
CA GLY C 29 -4.83 -18.50 8.40
C GLY C 29 -5.92 -17.50 8.08
N TRP C 30 -6.53 -17.66 6.90
CA TRP C 30 -7.53 -16.71 6.40
C TRP C 30 -8.66 -17.42 5.69
N ALA C 31 -9.86 -16.85 5.80
CA ALA C 31 -11.02 -17.35 5.06
C ALA C 31 -11.17 -16.55 3.78
N LEU C 32 -11.17 -17.26 2.66
CA LEU C 32 -11.20 -16.62 1.35
C LEU C 32 -12.27 -17.22 0.41
N ILE C 33 -12.45 -16.59 -0.74
CA ILE C 33 -13.41 -17.06 -1.74
C ILE C 33 -12.67 -17.27 -3.06
N ASP C 34 -13.03 -18.35 -3.77
CA ASP C 34 -12.52 -18.62 -5.11
C ASP C 34 -12.91 -17.49 -6.05
N CYS C 35 -11.93 -16.96 -6.77
CA CYS C 35 -12.13 -15.83 -7.68
C CYS C 35 -12.37 -16.30 -9.12
N ASP C 36 -11.75 -17.42 -9.48
CA ASP C 36 -11.84 -17.97 -10.84
C ASP C 36 -13.22 -18.51 -11.18
N PRO C 37 -13.62 -18.41 -12.47
CA PRO C 37 -14.80 -19.13 -12.95
C PRO C 37 -14.56 -20.64 -12.92
N SER C 38 -15.64 -21.41 -12.80
CA SER C 38 -15.53 -22.86 -12.74
C SER C 38 -16.14 -23.54 -13.97
N LEU C 39 -15.45 -24.57 -14.45
CA LEU C 39 -15.87 -25.32 -15.63
C LEU C 39 -16.63 -26.58 -15.24
N ARG C 45 -22.75 -18.29 -7.14
CA ARG C 45 -22.42 -19.10 -5.98
C ARG C 45 -20.95 -18.97 -5.59
N ASP C 46 -20.70 -18.44 -4.38
CA ASP C 46 -19.34 -18.29 -3.87
C ASP C 46 -18.80 -19.60 -3.31
N VAL C 47 -17.56 -19.93 -3.69
CA VAL C 47 -16.89 -21.11 -3.16
C VAL C 47 -15.90 -20.67 -2.08
N ASP C 48 -16.19 -21.07 -0.84
CA ASP C 48 -15.35 -20.74 0.30
C ASP C 48 -14.03 -21.49 0.25
N VAL C 49 -12.95 -20.78 0.55
CA VAL C 49 -11.60 -21.32 0.50
C VAL C 49 -10.90 -21.05 1.83
N LEU C 50 -10.25 -22.07 2.36
CA LEU C 50 -9.41 -21.91 3.54
C LEU C 50 -7.94 -21.94 3.14
N LEU C 51 -7.24 -20.87 3.48
CA LEU C 51 -5.80 -20.79 3.25
C LEU C 51 -5.08 -20.73 4.59
N LEU C 52 -4.13 -21.64 4.76
CA LEU C 52 -3.36 -21.75 6.01
C LEU C 52 -1.86 -21.69 5.74
N LEU C 53 -1.13 -21.07 6.66
CA LEU C 53 0.30 -20.85 6.47
C LEU C 53 1.10 -21.37 7.66
N SER C 54 2.06 -22.23 7.35
CA SER C 54 3.03 -22.71 8.34
C SER C 54 4.41 -22.18 8.00
N ASN C 55 5.40 -22.58 8.79
CA ASN C 55 6.80 -22.16 8.58
C ASN C 55 7.40 -22.63 7.26
N SER C 56 6.88 -23.75 6.74
CA SER C 56 7.46 -24.40 5.57
C SER C 56 6.47 -24.68 4.44
N ALA C 57 5.18 -24.53 4.71
CA ALA C 57 4.14 -24.84 3.74
C ALA C 57 2.91 -23.96 3.87
N TYR C 58 2.14 -23.88 2.79
CA TYR C 58 0.79 -23.29 2.84
C TYR C 58 -0.27 -24.32 2.43
N TYR C 59 -1.51 -24.08 2.86
CA TYR C 59 -2.58 -25.06 2.68
C TYR C 59 -3.80 -24.39 2.07
N VAL C 60 -4.32 -25.00 1.02
CA VAL C 60 -5.52 -24.51 0.36
C VAL C 60 -6.59 -25.59 0.36
N ALA C 61 -7.75 -25.26 0.92
CA ALA C 61 -8.88 -26.18 0.97
C ALA C 61 -10.15 -25.49 0.46
N TYR C 62 -10.74 -26.09 -0.57
CA TYR C 62 -11.99 -25.60 -1.18
C TYR C 62 -13.20 -26.26 -0.53
N TYR C 63 -14.25 -25.48 -0.28
CA TYR C 63 -15.50 -25.98 0.28
C TYR C 63 -16.59 -26.10 -0.78
N ASP C 64 -17.40 -27.16 -0.68
CA ASP C 64 -18.55 -27.36 -1.56
C ASP C 64 -19.58 -26.26 -1.35
N ASP C 65 -20.32 -25.91 -2.40
CA ASP C 65 -21.19 -24.73 -2.38
C ASP C 65 -22.45 -24.86 -1.51
N GLU C 66 -22.98 -26.07 -1.37
CA GLU C 66 -24.22 -26.28 -0.62
C GLU C 66 -24.07 -27.11 0.67
N VAL C 67 -22.97 -27.85 0.78
CA VAL C 67 -22.66 -28.62 1.99
C VAL C 67 -21.43 -28.03 2.68
N ASP C 68 -21.33 -28.23 3.99
CA ASP C 68 -20.25 -27.68 4.81
C ASP C 68 -18.90 -28.39 4.63
N LYS C 69 -18.84 -29.31 3.67
CA LYS C 69 -17.66 -30.17 3.48
C LYS C 69 -16.59 -29.62 2.53
N VAL C 70 -15.34 -30.05 2.77
CA VAL C 70 -14.21 -29.80 1.88
C VAL C 70 -14.24 -30.85 0.76
N ASN C 71 -14.03 -30.43 -0.48
CA ASN C 71 -14.00 -31.36 -1.61
C ASN C 71 -12.67 -31.38 -2.40
N GLN C 72 -11.76 -30.48 -2.02
CA GLN C 72 -10.41 -30.44 -2.58
C GLN C 72 -9.46 -29.87 -1.52
N TYR C 73 -8.31 -30.52 -1.34
CA TYR C 73 -7.33 -30.15 -0.31
C TYR C 73 -5.90 -30.34 -0.80
N GLN C 74 -5.06 -29.35 -0.55
CA GLN C 74 -3.65 -29.39 -0.96
C GLN C 74 -2.69 -28.84 0.10
N ARG C 75 -1.67 -29.62 0.43
CA ARG C 75 -0.50 -29.08 1.13
C ARG C 75 0.58 -28.77 0.10
N LEU C 76 0.97 -27.51 0.05
CA LEU C 76 1.99 -27.06 -0.89
C LEU C 76 3.16 -26.45 -0.13
N SER C 77 4.37 -26.91 -0.44
CA SER C 77 5.57 -26.38 0.18
C SER C 77 5.85 -24.97 -0.32
N LEU C 78 6.37 -24.13 0.57
CA LEU C 78 6.65 -22.73 0.26
C LEU C 78 7.72 -22.58 -0.81
N GLU C 79 8.57 -23.59 -0.94
CA GLU C 79 9.63 -23.60 -1.94
C GLU C 79 9.04 -23.73 -3.34
N ASN C 80 7.83 -24.28 -3.43
CA ASN C 80 7.16 -24.49 -4.72
C ASN C 80 6.28 -23.34 -5.16
N LEU C 81 6.09 -22.35 -4.28
CA LEU C 81 5.36 -21.14 -4.61
C LEU C 81 6.27 -20.17 -5.37
N GLU C 82 6.00 -20.03 -6.67
CA GLU C 82 6.86 -19.24 -7.57
C GLU C 82 6.71 -17.74 -7.35
N LYS C 83 5.48 -17.24 -7.51
CA LYS C 83 5.19 -15.81 -7.45
C LYS C 83 3.74 -15.56 -7.06
N ILE C 84 3.45 -14.33 -6.66
CA ILE C 84 2.09 -13.93 -6.32
C ILE C 84 1.70 -12.73 -7.16
N GLU C 85 0.56 -12.82 -7.82
CA GLU C 85 0.03 -11.71 -8.62
C GLU C 85 -1.25 -11.18 -7.98
N ILE C 86 -1.29 -9.88 -7.73
CA ILE C 86 -2.47 -9.21 -7.22
C ILE C 86 -2.94 -8.15 -8.20
N GLY C 87 -4.23 -8.19 -8.56
CA GLY C 87 -4.83 -7.23 -9.48
C GLY C 87 -6.31 -7.50 -9.71
N PRO C 88 -6.96 -6.66 -10.55
CA PRO C 88 -8.40 -6.79 -10.79
C PRO C 88 -8.78 -8.15 -11.34
N GLU C 89 -9.97 -8.63 -10.97
CA GLU C 89 -10.45 -9.96 -11.36
C GLU C 89 -10.57 -10.12 -12.89
N PRO C 90 -10.13 -11.28 -13.42
CA PRO C 90 -10.26 -11.55 -14.86
C PRO C 90 -11.70 -11.95 -15.20
N THR C 91 -12.56 -10.94 -15.33
CA THR C 91 -13.96 -11.15 -15.66
C THR C 91 -14.17 -11.46 -17.14
N LEU C 92 -15.39 -11.86 -17.47
CA LEU C 92 -15.77 -12.12 -18.86
C LEU C 92 -16.72 -11.04 -19.37
N PHE C 93 -17.02 -10.06 -18.51
CA PHE C 93 -17.92 -8.96 -18.88
C PHE C 93 -17.67 -7.66 -18.11
N GLY C 94 -17.60 -6.56 -18.86
CA GLY C 94 -17.48 -5.21 -18.30
C GLY C 94 -16.39 -5.01 -17.27
N LYS C 95 -16.72 -4.27 -16.22
CA LYS C 95 -15.75 -3.89 -15.18
C LYS C 95 -15.53 -4.95 -14.10
N PRO C 96 -14.26 -5.25 -13.79
CA PRO C 96 -13.91 -6.06 -12.62
C PRO C 96 -14.33 -5.37 -11.33
N LYS C 97 -15.15 -6.06 -10.54
CA LYS C 97 -15.64 -5.56 -9.25
C LYS C 97 -14.59 -5.40 -8.14
N PHE C 98 -13.70 -6.38 -8.03
CA PHE C 98 -12.75 -6.46 -6.92
C PHE C 98 -11.40 -7.03 -7.34
N SER C 99 -10.41 -6.89 -6.44
CA SER C 99 -9.08 -7.43 -6.66
C SER C 99 -9.04 -8.92 -6.33
N CYS C 100 -8.15 -9.63 -7.00
CA CYS C 100 -7.89 -11.03 -6.69
C CYS C 100 -6.38 -11.30 -6.54
N ARG C 102 -3.40 -14.21 -7.14
CA ARG C 102 -3.05 -15.43 -7.85
C ARG C 102 -1.76 -16.03 -7.29
N LEU C 103 -1.87 -17.24 -6.75
CA LEU C 103 -0.71 -17.96 -6.19
C LEU C 103 -0.23 -19.00 -7.19
N HIS C 104 0.88 -18.69 -7.86
CA HIS C 104 1.45 -19.59 -8.87
C HIS C 104 2.37 -20.59 -8.20
N TYR C 105 2.16 -21.87 -8.49
CA TYR C 105 2.95 -22.91 -7.84
C TYR C 105 3.48 -24.00 -8.77
N ARG C 106 4.66 -24.52 -8.44
CA ARG C 106 5.26 -25.65 -9.12
C ARG C 106 4.64 -26.95 -8.61
N TYR C 107 4.08 -27.73 -9.53
CA TYR C 107 3.50 -29.02 -9.21
C TYR C 107 4.19 -30.08 -10.06
N LYS C 108 4.94 -30.96 -9.39
CA LYS C 108 5.75 -31.99 -10.06
C LYS C 108 6.62 -31.40 -11.16
N GLU C 109 7.30 -30.31 -10.82
CA GLU C 109 8.24 -29.59 -11.71
C GLU C 109 7.60 -29.02 -12.98
N ALA C 110 6.37 -28.50 -12.83
CA ALA C 110 5.64 -27.89 -13.94
C ALA C 110 4.93 -26.61 -13.51
N SER C 111 4.85 -25.64 -14.42
CA SER C 111 4.14 -24.39 -14.17
C SER C 111 2.77 -24.35 -14.84
N GLY C 112 2.04 -23.27 -14.61
CA GLY C 112 0.67 -23.12 -15.12
C GLY C 112 -0.38 -23.49 -14.08
N TYR C 113 0.06 -23.78 -12.86
CA TYR C 113 -0.84 -24.10 -11.75
C TYR C 113 -0.99 -22.87 -10.86
N PHE C 114 -2.25 -22.46 -10.62
CA PHE C 114 -2.52 -21.31 -9.75
C PHE C 114 -3.91 -21.29 -9.11
N HIS C 115 -3.95 -20.73 -7.90
CA HIS C 115 -5.20 -20.45 -7.21
C HIS C 115 -5.47 -18.96 -7.26
N THR C 116 -6.69 -18.60 -7.64
CA THR C 116 -7.08 -17.19 -7.68
C THR C 116 -8.12 -16.96 -6.59
N LEU C 117 -7.75 -16.15 -5.60
CA LEU C 117 -8.55 -15.98 -4.39
C LEU C 117 -8.82 -14.53 -4.09
N ARG C 118 -9.95 -14.27 -3.44
CA ARG C 118 -10.29 -12.93 -2.95
C ARG C 118 -10.81 -12.97 -1.51
N ALA C 119 -10.87 -11.80 -0.88
CA ALA C 119 -11.27 -11.72 0.52
C ALA C 119 -12.79 -11.74 0.71
N VAL C 120 -13.23 -12.17 1.88
CA VAL C 120 -14.63 -12.14 2.26
C VAL C 120 -15.03 -10.72 2.64
N ARG C 122 -17.63 -7.59 3.21
CA ARG C 122 -18.98 -7.23 3.60
C ARG C 122 -19.50 -6.01 2.84
N ASN C 123 -18.71 -4.94 2.81
CA ASN C 123 -19.09 -3.71 2.12
C ASN C 123 -18.83 -3.83 0.61
N PRO C 124 -19.89 -3.65 -0.20
CA PRO C 124 -19.81 -3.74 -1.67
C PRO C 124 -18.90 -2.68 -2.29
N GLU C 125 -18.73 -1.55 -1.60
CA GLU C 125 -17.83 -0.49 -2.04
C GLU C 125 -16.41 -0.68 -1.52
N GLU C 126 -15.97 -1.93 -1.42
CA GLU C 126 -14.62 -2.23 -0.94
C GLU C 126 -13.82 -3.17 -1.84
N ASP C 127 -12.70 -2.64 -2.32
CA ASP C 127 -11.75 -3.33 -3.19
C ASP C 127 -11.26 -4.64 -2.58
N GLY C 128 -10.77 -4.57 -1.34
CA GLY C 128 -10.22 -5.74 -0.66
C GLY C 128 -8.76 -6.01 -1.00
N LYS C 129 -8.12 -5.05 -1.66
CA LYS C 129 -6.73 -5.19 -2.10
C LYS C 129 -5.74 -5.19 -0.94
N ASP C 130 -5.96 -4.31 0.04
CA ASP C 130 -5.15 -4.22 1.25
C ASP C 130 -5.04 -5.56 1.97
N THR C 131 -6.19 -6.24 2.12
CA THR C 131 -6.26 -7.55 2.75
C THR C 131 -5.36 -8.56 2.04
N LEU C 132 -5.44 -8.58 0.71
CA LEU C 132 -4.64 -9.50 -0.11
C LEU C 132 -3.16 -9.14 -0.10
N GLN C 133 -2.86 -7.84 -0.17
CA GLN C 133 -1.48 -7.38 -0.08
C GLN C 133 -0.85 -7.91 1.22
N CYS C 134 -1.62 -7.86 2.30
CA CYS C 134 -1.19 -8.33 3.61
C CYS C 134 -0.90 -9.83 3.67
N ILE C 135 -1.81 -10.63 3.12
CA ILE C 135 -1.60 -12.08 3.04
C ILE C 135 -0.31 -12.40 2.28
N ALA C 136 -0.15 -11.82 1.09
CA ALA C 136 1.05 -12.00 0.28
C ALA C 136 2.32 -11.59 1.01
N GLU C 137 2.23 -10.55 1.82
CA GLU C 137 3.37 -10.09 2.60
C GLU C 137 3.79 -11.10 3.67
N LEU C 139 3.21 -14.52 3.32
CA LEU C 139 3.76 -15.60 2.49
C LEU C 139 5.19 -15.29 2.05
N GLN C 140 5.43 -14.02 1.74
CA GLN C 140 6.75 -13.56 1.27
C GLN C 140 7.82 -13.71 2.35
N ILE C 141 7.59 -13.13 3.52
CA ILE C 141 8.58 -13.16 4.60
C ILE C 141 8.80 -14.56 5.19
N THR C 142 7.75 -15.38 5.19
CA THR C 142 7.85 -16.75 5.70
C THR C 142 8.74 -17.60 4.78
N LYS C 143 8.53 -17.47 3.47
CA LYS C 143 9.34 -18.16 2.48
C LYS C 143 10.78 -17.66 2.49
N GLN C 144 10.95 -16.35 2.72
CA GLN C 144 12.28 -15.71 2.73
C GLN C 144 13.16 -16.13 3.91
N ALA C 145 12.54 -16.45 5.04
CA ALA C 145 13.26 -16.88 6.24
C ALA C 145 13.75 -18.32 6.09
N GLY C 147 13.81 -20.01 2.85
CA GLY C 147 14.47 -20.21 1.57
C GLY C 147 14.54 -18.98 0.69
N SER C 148 14.18 -19.15 -0.58
CA SER C 148 14.35 -18.12 -1.60
C SER C 148 13.33 -16.99 -1.49
N ASP C 149 13.57 -15.92 -2.26
CA ASP C 149 12.71 -14.74 -2.26
C ASP C 149 11.44 -14.94 -3.09
N LEU C 150 10.42 -14.16 -2.78
CA LEU C 150 9.12 -14.28 -3.46
C LEU C 150 8.64 -12.94 -4.02
N PRO C 151 8.56 -12.84 -5.37
CA PRO C 151 8.05 -11.64 -6.01
C PRO C 151 6.53 -11.46 -5.88
N ILE C 152 6.11 -10.27 -5.47
CA ILE C 152 4.71 -9.88 -5.47
C ILE C 152 4.50 -8.88 -6.60
N ILE C 153 3.66 -9.24 -7.56
CA ILE C 153 3.47 -8.44 -8.76
C ILE C 153 2.07 -7.82 -8.81
N GLU C 154 2.02 -6.49 -8.88
CA GLU C 154 0.80 -5.76 -9.15
C GLU C 154 0.66 -5.60 -10.66
N LYS C 155 -0.40 -6.18 -11.22
CA LYS C 155 -0.72 -6.04 -12.64
C LYS C 155 -2.13 -6.57 -12.90
N LYS C 156 -2.61 -6.41 -14.12
CA LYS C 156 -3.90 -6.99 -14.52
C LYS C 156 -3.76 -8.49 -14.70
N LEU C 157 -4.65 -9.24 -14.07
CA LEU C 157 -4.61 -10.70 -14.13
C LEU C 157 -5.07 -11.23 -15.48
N GLU C 158 -4.49 -12.34 -15.90
CA GLU C 158 -4.76 -12.93 -17.20
C GLU C 158 -6.03 -13.78 -17.18
N ALA C 159 -6.79 -13.71 -18.27
CA ALA C 159 -8.04 -14.46 -18.42
C ALA C 159 -7.78 -15.88 -18.94
N LYS C 160 -6.90 -16.61 -18.25
CA LYS C 160 -6.61 -18.00 -18.54
C LYS C 160 -7.12 -18.86 -17.39
N ALA C 161 -7.22 -20.16 -17.62
CA ALA C 161 -7.64 -21.12 -16.60
C ALA C 161 -6.50 -22.07 -16.19
N SER C 162 -6.31 -22.25 -14.89
CA SER C 162 -5.19 -23.01 -14.36
C SER C 162 -5.23 -24.46 -14.85
N LYS C 163 -4.05 -25.10 -14.87
CA LYS C 163 -3.95 -26.53 -15.11
C LYS C 163 -4.68 -27.25 -13.98
N PRO C 164 -5.49 -28.28 -14.31
CA PRO C 164 -6.36 -28.93 -13.32
C PRO C 164 -5.64 -29.24 -12.01
N HIS C 165 -6.25 -28.81 -10.90
CA HIS C 165 -5.69 -29.04 -9.58
C HIS C 165 -5.80 -30.51 -9.17
N GLU C 166 -4.71 -31.02 -8.62
CA GLU C 166 -4.67 -32.40 -8.11
C GLU C 166 -4.29 -32.40 -6.64
N ASP C 167 -4.87 -33.34 -5.90
CA ASP C 167 -4.73 -33.37 -4.44
C ASP C 167 -3.35 -33.79 -3.95
N ILE C 168 -2.85 -33.07 -2.94
CA ILE C 168 -1.53 -33.33 -2.35
C ILE C 168 -1.62 -33.42 -0.83
N ILE C 169 -0.98 -34.45 -0.28
CA ILE C 169 -0.90 -34.64 1.17
C ILE C 169 0.40 -34.06 1.71
N SER D 1 -13.56 -47.26 0.00
CA SER D 1 -13.30 -46.74 1.38
C SER D 1 -12.82 -45.29 1.35
N ARG D 2 -12.62 -44.73 2.54
CA ARG D 2 -12.23 -43.33 2.71
C ARG D 2 -10.76 -43.08 2.34
N SER D 3 -10.54 -42.09 1.48
CA SER D 3 -9.19 -41.70 1.07
C SER D 3 -8.58 -40.72 2.05
N HIS D 4 -7.27 -40.49 1.93
CA HIS D 4 -6.55 -39.59 2.83
C HIS D 4 -7.12 -38.18 2.76
N GLN D 5 -7.33 -37.69 1.55
CA GLN D 5 -7.91 -36.35 1.33
C GLN D 5 -9.30 -36.23 1.93
N GLU D 6 -10.08 -37.31 1.85
CA GLU D 6 -11.41 -37.33 2.43
C GLU D 6 -11.35 -37.15 3.94
N LEU D 7 -10.36 -37.79 4.56
CA LEU D 7 -10.23 -37.78 6.02
C LEU D 7 -9.82 -36.41 6.55
N ILE D 8 -8.83 -35.78 5.91
CA ILE D 8 -8.39 -34.44 6.28
C ILE D 8 -9.53 -33.43 6.08
N SER D 9 -10.34 -33.68 5.05
CA SER D 9 -11.50 -32.85 4.72
C SER D 9 -12.54 -32.83 5.84
N GLN D 10 -12.86 -34.01 6.37
CA GLN D 10 -13.83 -34.13 7.45
C GLN D 10 -13.25 -33.72 8.80
N LEU D 11 -11.92 -33.75 8.90
CA LEU D 11 -11.21 -33.28 10.08
C LEU D 11 -11.26 -31.76 10.13
N LEU D 12 -10.98 -31.11 9.01
CA LEU D 12 -11.09 -29.66 8.87
C LEU D 12 -12.52 -29.17 9.09
N GLN D 13 -13.47 -29.89 8.53
CA GLN D 13 -14.89 -29.55 8.63
C GLN D 13 -15.38 -29.53 10.07
N SER D 14 -15.23 -30.66 10.77
CA SER D 14 -15.75 -30.84 12.11
C SER D 14 -15.10 -29.91 13.14
N TYR D 15 -13.84 -29.57 12.89
CA TYR D 15 -13.07 -28.78 13.83
C TYR D 15 -13.28 -27.28 13.73
N LYS D 17 -16.11 -26.38 13.31
CA LYS D 17 -17.44 -26.44 13.93
C LYS D 17 -17.38 -26.66 15.44
N LEU D 18 -16.23 -27.13 15.93
CA LEU D 18 -16.04 -27.38 17.37
C LEU D 18 -15.48 -26.14 18.09
N LEU D 19 -14.56 -25.44 17.44
CA LEU D 19 -13.92 -24.25 17.98
C LEU D 19 -14.86 -23.08 18.20
N LEU D 20 -15.72 -22.82 17.21
CA LEU D 20 -16.59 -21.67 17.20
C LEU D 20 -18.04 -22.06 17.50
N PRO D 21 -18.81 -21.13 18.12
CA PRO D 21 -20.26 -21.28 18.22
C PRO D 21 -20.92 -21.43 16.85
N ASP D 22 -22.13 -21.97 16.84
CA ASP D 22 -22.82 -22.36 15.60
C ASP D 22 -23.03 -21.19 14.61
N ASP D 23 -23.25 -20.00 15.16
CA ASP D 23 -23.51 -18.80 14.36
C ASP D 23 -22.25 -17.96 14.04
N GLU D 24 -21.08 -18.51 14.34
CA GLU D 24 -19.82 -17.81 14.11
C GLU D 24 -19.00 -18.41 12.97
N LYS D 25 -18.51 -17.55 12.08
CA LYS D 25 -17.71 -17.96 10.93
C LYS D 25 -16.30 -17.41 11.05
N PHE D 26 -15.32 -18.30 10.89
CA PHE D 26 -13.89 -17.98 10.94
C PHE D 26 -13.49 -16.98 9.87
N HIS D 27 -12.87 -15.87 10.28
CA HIS D 27 -12.34 -14.89 9.34
C HIS D 27 -10.82 -15.01 9.20
N GLY D 28 -10.10 -15.04 10.32
CA GLY D 28 -8.64 -15.03 10.30
C GLY D 28 -8.03 -15.57 11.57
N GLY D 29 -6.73 -15.86 11.51
CA GLY D 29 -5.98 -16.34 12.66
C GLY D 29 -4.50 -16.07 12.50
N TRP D 30 -3.84 -15.73 13.61
CA TRP D 30 -2.42 -15.38 13.58
C TRP D 30 -1.71 -15.89 14.83
N ALA D 31 -0.49 -16.37 14.62
CA ALA D 31 0.42 -16.70 15.71
C ALA D 31 1.17 -15.43 16.12
N LEU D 32 1.15 -15.13 17.42
CA LEU D 32 1.79 -13.93 17.95
C LEU D 32 2.57 -14.21 19.23
N ILE D 33 3.18 -13.16 19.79
CA ILE D 33 3.96 -13.25 21.02
C ILE D 33 3.62 -12.11 21.97
N ASP D 34 3.56 -12.42 23.26
CA ASP D 34 3.30 -11.44 24.32
C ASP D 34 4.48 -10.46 24.50
N CYS D 35 4.21 -9.16 24.34
CA CYS D 35 5.22 -8.12 24.56
C CYS D 35 5.36 -7.82 26.05
N ASP D 36 4.23 -7.86 26.75
CA ASP D 36 4.18 -7.50 28.16
C ASP D 36 4.86 -8.52 29.05
N PRO D 37 5.54 -8.04 30.12
CA PRO D 37 6.08 -8.93 31.14
C PRO D 37 4.98 -9.81 31.71
N SER D 38 5.23 -11.11 31.73
CA SER D 38 4.25 -12.09 32.20
C SER D 38 3.96 -11.90 33.67
N LEU D 39 2.70 -12.16 34.05
CA LEU D 39 2.29 -12.03 35.43
C LEU D 39 2.12 -13.38 36.12
N ILE D 40 1.72 -14.39 35.35
CA ILE D 40 1.62 -15.77 35.85
C ILE D 40 3.02 -16.33 36.20
N ASP D 41 3.93 -16.28 35.24
CA ASP D 41 5.34 -16.58 35.48
C ASP D 41 6.21 -15.36 35.11
N ALA D 42 6.64 -14.64 36.14
CA ALA D 42 7.28 -13.32 36.01
C ALA D 42 8.45 -13.23 35.02
N THR D 43 9.30 -14.25 35.01
CA THR D 43 10.53 -14.28 34.20
C THR D 43 10.29 -14.08 32.70
N HIS D 44 11.24 -13.42 32.04
CA HIS D 44 11.12 -13.04 30.63
C HIS D 44 11.35 -14.22 29.68
N ARG D 45 10.37 -14.47 28.81
CA ARG D 45 10.44 -15.48 27.76
C ARG D 45 9.73 -14.97 26.51
N ASP D 46 9.34 -15.90 25.63
CA ASP D 46 8.52 -15.58 24.47
C ASP D 46 7.24 -16.40 24.51
N VAL D 47 6.23 -15.87 25.20
CA VAL D 47 4.96 -16.57 25.38
C VAL D 47 4.17 -16.55 24.08
N ASP D 48 3.91 -17.75 23.55
CA ASP D 48 3.12 -17.89 22.34
C ASP D 48 1.68 -17.48 22.58
N VAL D 49 1.12 -16.70 21.65
CA VAL D 49 -0.26 -16.29 21.73
C VAL D 49 -0.95 -16.58 20.40
N LEU D 50 -2.12 -17.19 20.47
CA LEU D 50 -2.95 -17.39 19.29
C LEU D 50 -4.10 -16.39 19.28
N LEU D 51 -4.18 -15.60 18.21
CA LEU D 51 -5.28 -14.67 18.01
C LEU D 51 -6.16 -15.16 16.85
N LEU D 52 -7.42 -15.44 17.16
CA LEU D 52 -8.38 -15.89 16.16
C LEU D 52 -9.50 -14.88 16.02
N LEU D 53 -9.98 -14.69 14.80
CA LEU D 53 -11.07 -13.76 14.55
C LEU D 53 -12.26 -14.43 13.85
N SER D 54 -13.45 -14.24 14.41
CA SER D 54 -14.71 -14.62 13.77
C SER D 54 -15.49 -13.35 13.42
N ASN D 55 -16.70 -13.51 12.87
CA ASN D 55 -17.51 -12.36 12.45
C ASN D 55 -18.05 -11.49 13.60
N SER D 56 -18.01 -12.03 14.82
CA SER D 56 -18.58 -11.34 15.98
C SER D 56 -17.66 -11.35 17.20
N ALA D 57 -16.53 -12.07 17.11
CA ALA D 57 -15.64 -12.25 18.25
C ALA D 57 -14.20 -12.46 17.84
N TYR D 58 -13.29 -12.13 18.76
CA TYR D 58 -11.88 -12.48 18.60
C TYR D 58 -11.43 -13.31 19.78
N TYR D 59 -10.48 -14.20 19.53
CA TYR D 59 -10.08 -15.21 20.51
C TYR D 59 -8.61 -15.07 20.81
N VAL D 60 -8.27 -15.05 22.09
CA VAL D 60 -6.89 -14.89 22.52
C VAL D 60 -6.54 -16.04 23.46
N ALA D 61 -5.50 -16.79 23.08
CA ALA D 61 -5.07 -17.96 23.84
C ALA D 61 -3.57 -17.93 24.10
N TYR D 62 -3.20 -18.06 25.38
CA TYR D 62 -1.80 -18.08 25.77
C TYR D 62 -1.34 -19.52 25.95
N TYR D 63 -0.27 -19.89 25.26
CA TYR D 63 0.30 -21.22 25.40
C TYR D 63 1.33 -21.25 26.53
N ASP D 64 1.50 -22.43 27.13
CA ASP D 64 2.51 -22.63 28.18
C ASP D 64 3.90 -22.68 27.55
N ASP D 65 4.87 -22.18 28.30
CA ASP D 65 6.26 -22.05 27.84
C ASP D 65 6.88 -23.38 27.43
N GLU D 66 6.88 -24.35 28.34
CA GLU D 66 7.56 -25.63 28.11
C GLU D 66 6.70 -26.61 27.31
N VAL D 67 5.64 -27.12 27.93
CA VAL D 67 4.69 -28.01 27.25
C VAL D 67 3.71 -27.17 26.42
N ASP D 68 3.31 -27.67 25.25
CA ASP D 68 2.32 -26.96 24.44
C ASP D 68 0.92 -27.17 25.00
N LYS D 69 0.42 -26.16 25.69
CA LYS D 69 -0.80 -26.25 26.47
C LYS D 69 -1.38 -24.85 26.71
N VAL D 70 -2.67 -24.69 26.46
CA VAL D 70 -3.35 -23.41 26.66
C VAL D 70 -3.47 -23.09 28.15
N ASN D 71 -2.73 -22.08 28.59
CA ASN D 71 -2.73 -21.63 29.97
C ASN D 71 -3.86 -20.66 30.28
N GLN D 72 -4.29 -19.93 29.25
CA GLN D 72 -5.28 -18.88 29.38
C GLN D 72 -6.07 -18.78 28.07
N TYR D 73 -7.40 -18.80 28.18
CA TYR D 73 -8.28 -18.73 27.02
C TYR D 73 -9.35 -17.65 27.24
N GLN D 74 -9.57 -16.83 26.21
CA GLN D 74 -10.59 -15.79 26.26
C GLN D 74 -11.32 -15.68 24.92
N ARG D 75 -12.65 -15.80 24.97
CA ARG D 75 -13.48 -15.37 23.85
C ARG D 75 -13.95 -13.95 24.16
N LEU D 76 -13.62 -13.03 23.27
CA LEU D 76 -13.95 -11.63 23.48
C LEU D 76 -14.81 -11.10 22.35
N SER D 77 -15.94 -10.51 22.71
CA SER D 77 -16.85 -9.93 21.74
C SER D 77 -16.21 -8.69 21.12
N LEU D 78 -16.32 -8.56 19.80
CA LEU D 78 -15.74 -7.43 19.07
C LEU D 78 -16.29 -6.07 19.54
N GLU D 79 -17.52 -6.07 20.05
CA GLU D 79 -18.15 -4.87 20.56
C GLU D 79 -17.43 -4.27 21.77
N ASN D 80 -16.79 -5.14 22.56
CA ASN D 80 -16.04 -4.71 23.74
C ASN D 80 -14.58 -4.35 23.46
N LEU D 81 -14.18 -4.41 22.19
CA LEU D 81 -12.85 -3.97 21.76
C LEU D 81 -12.91 -2.47 21.41
N GLU D 82 -12.36 -1.64 22.29
CA GLU D 82 -12.55 -0.19 22.19
C GLU D 82 -11.49 0.55 21.35
N LYS D 83 -10.24 0.12 21.46
CA LYS D 83 -9.14 0.74 20.72
C LYS D 83 -7.93 -0.18 20.52
N ILE D 84 -7.22 0.03 19.41
CA ILE D 84 -5.96 -0.64 19.14
C ILE D 84 -4.84 0.39 19.04
N GLU D 85 -3.79 0.21 19.85
CA GLU D 85 -2.61 1.07 19.80
C GLU D 85 -1.44 0.33 19.17
N ILE D 86 -0.75 0.99 18.25
CA ILE D 86 0.45 0.44 17.62
C ILE D 86 1.63 1.40 17.83
N GLY D 87 2.82 0.83 17.94
CA GLY D 87 4.03 1.62 18.19
C GLY D 87 5.06 0.77 18.90
N PRO D 88 6.24 1.37 19.18
CA PRO D 88 7.38 0.65 19.76
C PRO D 88 7.02 -0.07 21.06
N GLU D 89 7.67 -1.20 21.30
CA GLU D 89 7.49 -1.97 22.53
C GLU D 89 7.81 -1.14 23.77
N PRO D 90 7.13 -1.41 24.90
CA PRO D 90 7.41 -0.68 26.13
C PRO D 90 8.58 -1.28 26.91
N THR D 91 9.74 -0.64 26.83
CA THR D 91 10.90 -1.02 27.62
C THR D 91 11.07 -0.09 28.82
N LEU D 92 11.95 -0.47 29.74
CA LEU D 92 12.29 0.39 30.86
C LEU D 92 13.40 1.35 30.48
N PHE D 93 14.13 1.01 29.42
CA PHE D 93 15.27 1.80 28.99
C PHE D 93 15.57 1.68 27.49
N GLY D 94 16.08 2.76 26.93
CA GLY D 94 16.76 2.73 25.64
C GLY D 94 15.88 2.67 24.43
N LYS D 95 16.40 2.03 23.38
CA LYS D 95 15.79 1.98 22.07
C LYS D 95 15.00 0.69 21.87
N PRO D 96 13.67 0.79 21.69
CA PRO D 96 12.88 -0.35 21.27
C PRO D 96 12.97 -0.51 19.75
N LYS D 97 13.35 -1.70 19.29
CA LYS D 97 13.55 -1.93 17.86
C LYS D 97 12.27 -2.37 17.17
N PHE D 98 11.56 -3.33 17.77
CA PHE D 98 10.29 -3.80 17.21
C PHE D 98 9.07 -3.13 17.85
N SER D 99 7.99 -3.05 17.07
CA SER D 99 6.76 -2.43 17.50
C SER D 99 5.74 -3.49 17.96
N CYS D 100 4.88 -3.10 18.89
CA CYS D 100 3.87 -3.99 19.44
C CYS D 100 2.46 -3.49 19.16
N ARG D 102 -1.35 -3.12 21.01
CA ARG D 102 -2.10 -3.17 22.27
C ARG D 102 -3.61 -3.11 22.03
N LEU D 103 -4.30 -4.21 22.32
CA LEU D 103 -5.75 -4.29 22.15
C LEU D 103 -6.44 -4.09 23.49
N HIS D 104 -7.12 -2.95 23.63
CA HIS D 104 -7.85 -2.61 24.85
C HIS D 104 -9.26 -3.15 24.79
N TYR D 105 -9.62 -3.96 25.80
CA TYR D 105 -10.97 -4.51 25.87
C TYR D 105 -11.66 -4.13 27.18
N ARG D 106 -12.97 -3.94 27.11
CA ARG D 106 -13.74 -3.65 28.31
C ARG D 106 -14.28 -4.94 28.90
N TYR D 107 -14.00 -5.14 30.19
CA TYR D 107 -14.37 -6.35 30.89
C TYR D 107 -15.18 -6.01 32.13
N LYS D 108 -16.39 -6.57 32.21
CA LYS D 108 -17.33 -6.30 33.30
C LYS D 108 -17.51 -4.79 33.52
N GLU D 109 -17.75 -4.09 32.40
CA GLU D 109 -17.95 -2.63 32.37
C GLU D 109 -16.70 -1.80 32.72
N ALA D 110 -15.57 -2.48 32.94
CA ALA D 110 -14.35 -1.81 33.39
C ALA D 110 -13.21 -1.87 32.37
N SER D 111 -12.43 -0.79 32.31
CA SER D 111 -11.26 -0.71 31.42
C SER D 111 -9.94 -0.90 32.17
N GLY D 112 -8.83 -0.78 31.46
CA GLY D 112 -7.51 -1.09 32.00
C GLY D 112 -7.07 -2.50 31.67
N TYR D 113 -7.88 -3.19 30.86
CA TYR D 113 -7.58 -4.54 30.40
C TYR D 113 -7.04 -4.51 28.97
N PHE D 114 -5.83 -5.00 28.76
CA PHE D 114 -5.23 -5.03 27.43
C PHE D 114 -4.29 -6.20 27.14
N HIS D 115 -4.19 -6.55 25.87
CA HIS D 115 -3.20 -7.51 25.38
C HIS D 115 -2.20 -6.79 24.50
N THR D 116 -0.92 -6.99 24.78
CA THR D 116 0.15 -6.40 23.99
C THR D 116 0.90 -7.50 23.24
N LEU D 117 0.69 -7.54 21.93
CA LEU D 117 1.18 -8.64 21.11
C LEU D 117 2.11 -8.14 20.01
N ARG D 118 3.02 -9.01 19.58
CA ARG D 118 3.87 -8.74 18.43
C ARG D 118 3.92 -9.94 17.50
N ALA D 119 4.32 -9.69 16.26
CA ALA D 119 4.41 -10.73 15.23
C ALA D 119 5.53 -11.72 15.53
N VAL D 120 5.31 -12.98 15.17
CA VAL D 120 6.32 -14.03 15.32
C VAL D 120 7.38 -13.84 14.25
N ARG D 122 9.64 -12.06 11.28
CA ARG D 122 10.41 -10.84 11.22
C ARG D 122 11.83 -11.12 10.74
N ASN D 123 12.48 -10.06 10.29
CA ASN D 123 13.92 -9.99 10.27
C ASN D 123 14.28 -9.05 11.41
N PRO D 124 15.40 -9.29 12.11
CA PRO D 124 15.87 -8.29 13.07
C PRO D 124 15.87 -6.88 12.47
N GLU D 125 15.88 -6.83 11.14
CA GLU D 125 15.89 -5.58 10.38
C GLU D 125 14.55 -4.83 10.44
N GLU D 126 13.45 -5.58 10.40
CA GLU D 126 12.11 -4.99 10.34
C GLU D 126 11.43 -4.88 11.70
N ASP D 127 10.74 -3.76 11.90
CA ASP D 127 10.02 -3.49 13.15
C ASP D 127 8.78 -4.38 13.35
N GLY D 128 8.24 -4.91 12.25
CA GLY D 128 7.06 -5.78 12.29
C GLY D 128 5.75 -5.01 12.35
N LYS D 129 5.82 -3.70 12.12
CA LYS D 129 4.66 -2.81 12.17
C LYS D 129 3.62 -3.15 11.10
N ASP D 130 4.07 -3.43 9.88
CA ASP D 130 3.19 -3.73 8.74
C ASP D 130 2.23 -4.89 9.03
N THR D 131 2.76 -5.97 9.61
CA THR D 131 1.97 -7.14 9.96
C THR D 131 0.87 -6.79 10.95
N LEU D 132 1.23 -6.09 12.02
CA LEU D 132 0.30 -5.70 13.07
C LEU D 132 -0.76 -4.74 12.56
N GLN D 133 -0.37 -3.90 11.60
CA GLN D 133 -1.29 -2.98 10.94
C GLN D 133 -2.36 -3.75 10.15
N CYS D 134 -1.94 -4.82 9.50
CA CYS D 134 -2.83 -5.68 8.72
C CYS D 134 -3.84 -6.41 9.59
N ILE D 135 -3.38 -6.93 10.72
CA ILE D 135 -4.24 -7.56 11.72
C ILE D 135 -5.24 -6.52 12.26
N ALA D 136 -4.74 -5.34 12.62
CA ALA D 136 -5.58 -4.25 13.12
C ALA D 136 -6.67 -3.90 12.12
N GLU D 137 -6.30 -3.88 10.84
CA GLU D 137 -7.23 -3.52 9.79
C GLU D 137 -8.28 -4.60 9.54
N LEU D 139 -9.41 -6.62 12.15
CA LEU D 139 -10.22 -6.46 13.35
C LEU D 139 -11.15 -5.24 13.24
N GLN D 140 -10.64 -4.16 12.64
CA GLN D 140 -11.41 -2.94 12.44
C GLN D 140 -12.56 -3.15 11.47
N ILE D 141 -12.23 -3.72 10.31
CA ILE D 141 -13.20 -3.92 9.22
C ILE D 141 -14.30 -4.92 9.61
N THR D 142 -13.97 -5.86 10.50
CA THR D 142 -14.90 -6.87 10.98
C THR D 142 -15.85 -6.30 12.05
N LYS D 143 -15.30 -5.57 12.99
CA LYS D 143 -16.11 -5.00 14.02
C LYS D 143 -17.05 -4.01 13.45
N GLN D 144 -16.56 -3.25 12.51
CA GLN D 144 -17.35 -2.21 11.92
C GLN D 144 -18.55 -2.72 11.15
N ALA D 145 -18.43 -3.82 10.46
CA ALA D 145 -19.60 -4.32 9.82
C ALA D 145 -20.58 -4.69 10.91
N GLY D 147 -20.58 -3.64 14.26
CA GLY D 147 -20.88 -2.67 15.29
C GLY D 147 -20.23 -1.31 15.26
N SER D 148 -19.87 -0.90 16.46
CA SER D 148 -19.30 0.39 16.75
C SER D 148 -17.98 0.44 16.09
N ASP D 149 -17.47 1.63 15.85
CA ASP D 149 -16.17 1.80 15.19
C ASP D 149 -14.94 1.55 16.06
N LEU D 150 -13.83 1.30 15.38
CA LEU D 150 -12.59 1.05 16.09
C LEU D 150 -11.44 1.90 15.59
N PRO D 151 -10.96 2.76 16.45
CA PRO D 151 -9.80 3.60 16.14
C PRO D 151 -8.46 2.86 16.29
N ILE D 152 -7.56 3.09 15.35
CA ILE D 152 -6.19 2.57 15.42
C ILE D 152 -5.23 3.74 15.61
N ILE D 153 -4.64 3.83 16.80
CA ILE D 153 -3.75 4.93 17.15
C ILE D 153 -2.28 4.50 17.02
N GLU D 154 -1.48 5.33 16.38
CA GLU D 154 -0.03 5.15 16.35
C GLU D 154 0.57 6.00 17.45
N LYS D 155 1.19 5.33 18.44
CA LYS D 155 1.77 6.05 19.58
C LYS D 155 2.73 5.18 20.41
N LYS D 156 3.49 5.83 21.28
CA LYS D 156 4.34 5.14 22.25
C LYS D 156 3.48 4.38 23.25
N LEU D 157 3.95 3.19 23.64
CA LEU D 157 3.24 2.37 24.61
C LEU D 157 3.92 2.47 25.97
N GLU D 158 3.19 2.84 26.99
CA GLU D 158 3.77 2.81 28.31
C GLU D 158 3.88 1.34 28.49
N ALA D 159 4.81 0.89 29.31
CA ALA D 159 4.72 -0.47 29.78
C ALA D 159 3.95 -0.46 31.08
N LYS D 160 2.63 -0.35 31.02
CA LYS D 160 1.82 -0.47 32.21
C LYS D 160 0.98 -1.73 32.06
N ALA D 161 1.18 -2.72 32.93
CA ALA D 161 0.51 -3.99 32.69
C ALA D 161 -0.99 -3.77 32.68
N SER D 162 -1.78 -4.76 32.23
CA SER D 162 -3.24 -4.63 32.21
C SER D 162 -3.98 -5.58 33.18
N LYS D 163 -4.82 -4.98 34.01
CA LYS D 163 -5.57 -5.65 35.07
C LYS D 163 -5.56 -7.16 34.77
N PRO D 164 -5.43 -8.00 35.83
CA PRO D 164 -5.29 -9.44 35.63
C PRO D 164 -6.37 -10.03 34.71
N HIS D 165 -5.93 -10.75 33.69
CA HIS D 165 -6.84 -11.38 32.73
C HIS D 165 -7.56 -12.57 33.34
N GLU D 166 -8.87 -12.63 33.13
CA GLU D 166 -9.66 -13.76 33.58
C GLU D 166 -10.21 -14.55 32.37
N ASP D 167 -10.28 -15.86 32.53
CA ASP D 167 -10.78 -16.74 31.46
C ASP D 167 -12.24 -16.45 31.13
N ILE D 168 -12.55 -16.45 29.83
CA ILE D 168 -13.91 -16.18 29.36
C ILE D 168 -14.32 -17.21 28.31
N ILE D 169 -15.52 -17.75 28.47
CA ILE D 169 -16.12 -18.66 27.50
C ILE D 169 -16.98 -17.86 26.51
#